data_2PLK
#
_entry.id   2PLK
#
_cell.length_a   84.245
_cell.length_b   88.027
_cell.length_c   99.272
_cell.angle_alpha   90.00
_cell.angle_beta   90.00
_cell.angle_gamma   90.00
#
_symmetry.space_group_name_H-M   'P 21 21 21'
#
loop_
_entity.id
_entity.type
_entity.pdbx_description
1 polymer 'lysine/ornithine decarboxylase'
2 non-polymer '(4-{(E)-[(5-AMINOPENTYL)IMINO]METHYL}-5-HYDROXY-6-METHYLPYRIDIN-3-YL)METHYL DIHYDROGEN PHOSPHATE'
3 water water
#
_entity_poly.entity_id   1
_entity_poly.type   'polypeptide(L)'
_entity_poly.pdbx_seq_one_letter_code
;MGSSHHHHHHSSGLVPRGSHMAHSQSIFDIHSLTSPVLSAEEIHLIEASVEQFGAPLLLLDCDVIRQQYRALKNALPNVT
LHYALKPLPHPVVVRTLLAEGASFDLATTGEVELVASEGVPADLTIHTHPIKRDADIRDALAYGCNVFVVDNLNELEKFK
AYRDDVELLVRLSFRNSEAFADLSKKFGCSPEQALVIIETAKEWNIRIKGLSFHVGSQTTNPNKYVEAIHTCRHVMEQVV
ERGLPALSTLDIGGGFPVNYTQQVMPIDQFCAPINEALSLLPETVHVLAEPGRFICAPAVTSVASVMGQAEREGQIWYYL
DDGIYGSFSGLMFDDARYPLTTIKQGGELIPSVLSGPTCDSVDVIAENILLPKLNNGDLVIGRTMGAYTSATATDFNFFK
RAQTIALNEFVASSERMIG
;
_entity_poly.pdbx_strand_id   A,B
#
loop_
_chem_comp.id
_chem_comp.type
_chem_comp.name
_chem_comp.formula
P3D non-polymer '(4-{(E)-[(5-AMINOPENTYL)IMINO]METHYL}-5-HYDROXY-6-METHYLPYRIDIN-3-YL)METHYL DIHYDROGEN PHOSPHATE' 'C13 H22 N3 O5 P'
#
# COMPACT_ATOMS: atom_id res chain seq x y z
N SER A 24 -8.60 -10.16 11.76
CA SER A 24 -7.92 -11.22 12.56
C SER A 24 -8.79 -11.87 13.63
N GLN A 25 -8.54 -13.16 13.87
CA GLN A 25 -9.14 -13.88 14.99
C GLN A 25 -8.24 -15.03 15.50
N SER A 26 -8.48 -15.47 16.74
CA SER A 26 -7.65 -16.49 17.36
C SER A 26 -8.32 -17.85 17.46
N ILE A 27 -7.51 -18.90 17.35
CA ILE A 27 -7.94 -20.25 17.64
C ILE A 27 -7.26 -20.66 18.95
N PHE A 28 -8.05 -20.70 20.00
CA PHE A 28 -7.57 -21.15 21.32
C PHE A 28 -7.97 -22.61 21.53
N ASP A 29 -8.05 -23.39 20.46
CA ASP A 29 -8.84 -24.63 20.55
C ASP A 29 -8.53 -25.86 19.68
N ILE A 30 -8.44 -25.64 18.36
CA ILE A 30 -8.43 -26.72 17.34
C ILE A 30 -9.43 -27.87 17.56
N LEU A 38 5.95 -28.67 1.90
CA LEU A 38 4.94 -28.72 2.96
C LEU A 38 4.85 -30.11 3.54
N SER A 39 4.33 -30.23 4.76
CA SER A 39 4.14 -31.55 5.37
C SER A 39 2.67 -31.99 5.39
N ALA A 40 2.46 -33.30 5.56
CA ALA A 40 1.15 -33.90 5.87
C ALA A 40 0.31 -33.01 6.81
N GLU A 41 0.88 -32.67 7.96
CA GLU A 41 0.22 -31.84 8.96
C GLU A 41 -0.08 -30.39 8.52
N GLU A 42 0.86 -29.75 7.82
CA GLU A 42 0.64 -28.37 7.41
C GLU A 42 -0.47 -28.30 6.36
N ILE A 43 -0.43 -29.22 5.40
CA ILE A 43 -1.48 -29.36 4.40
C ILE A 43 -2.88 -29.49 5.02
N HIS A 44 -2.97 -30.25 6.10
CA HIS A 44 -4.21 -30.46 6.83
C HIS A 44 -4.75 -29.20 7.53
N LEU A 45 -3.89 -28.48 8.24
CA LEU A 45 -4.34 -27.27 8.95
C LEU A 45 -4.76 -26.19 7.95
N ILE A 46 -3.96 -26.01 6.91
CA ILE A 46 -4.26 -25.09 5.84
C ILE A 46 -5.67 -25.29 5.26
N GLU A 47 -5.92 -26.52 4.79
CA GLU A 47 -7.21 -26.89 4.19
C GLU A 47 -8.40 -26.71 5.13
N ALA A 48 -8.25 -27.12 6.39
CA ALA A 48 -9.32 -26.96 7.38
C ALA A 48 -9.57 -25.49 7.78
N SER A 49 -8.51 -24.66 7.82
CA SER A 49 -8.69 -23.21 7.99
C SER A 49 -9.44 -22.58 6.82
N VAL A 50 -9.05 -22.95 5.59
CA VAL A 50 -9.77 -22.50 4.39
C VAL A 50 -11.25 -22.93 4.45
N GLU A 51 -11.51 -24.20 4.76
CA GLU A 51 -12.85 -24.67 5.16
C GLU A 51 -13.57 -23.72 6.14
N GLN A 52 -12.94 -23.42 7.26
CA GLN A 52 -13.56 -22.68 8.37
C GLN A 52 -13.68 -21.15 8.18
N PHE A 53 -12.62 -20.53 7.66
CA PHE A 53 -12.50 -19.07 7.57
C PHE A 53 -12.60 -18.47 6.17
N GLY A 54 -12.45 -19.31 5.13
CA GLY A 54 -12.34 -18.81 3.76
C GLY A 54 -10.88 -18.50 3.43
N ALA A 55 -10.67 -17.85 2.30
CA ALA A 55 -9.35 -17.49 1.81
C ALA A 55 -9.54 -16.04 1.39
N PRO A 56 -8.46 -15.25 1.29
CA PRO A 56 -7.08 -15.55 1.62
C PRO A 56 -6.87 -15.50 3.14
N LEU A 57 -5.85 -16.17 3.65
CA LEU A 57 -5.61 -16.18 5.09
C LEU A 57 -4.17 -15.97 5.35
N LEU A 58 -3.86 -15.50 6.55
CA LEU A 58 -2.51 -15.51 7.06
C LEU A 58 -2.54 -16.29 8.32
N LEU A 59 -1.87 -17.44 8.29
CA LEU A 59 -1.75 -18.29 9.44
C LEU A 59 -0.51 -17.91 10.27
N LEU A 60 -0.79 -17.37 11.43
CA LEU A 60 0.17 -17.00 12.42
C LEU A 60 0.43 -18.10 13.47
N ASP A 61 1.67 -18.58 13.49
CA ASP A 61 2.09 -19.60 14.42
C ASP A 61 2.84 -18.92 15.58
N CYS A 62 2.18 -18.80 16.73
CA CYS A 62 2.82 -18.22 17.95
C CYS A 62 3.97 -19.06 18.50
N ASP A 63 4.01 -20.36 18.18
CA ASP A 63 5.22 -21.16 18.48
C ASP A 63 6.49 -20.62 17.78
N VAL A 64 6.34 -20.18 16.54
CA VAL A 64 7.49 -19.68 15.78
C VAL A 64 7.84 -18.29 16.27
N ILE A 65 6.84 -17.51 16.68
CA ILE A 65 7.10 -16.20 17.31
C ILE A 65 8.01 -16.45 18.52
N ARG A 66 7.66 -17.45 19.34
CA ARG A 66 8.47 -17.82 20.51
C ARG A 66 9.84 -18.35 20.14
N GLN A 67 9.89 -19.30 19.21
CA GLN A 67 11.16 -19.86 18.72
C GLN A 67 12.14 -18.84 18.19
N GLN A 68 11.63 -17.87 17.44
CA GLN A 68 12.51 -16.79 16.92
C GLN A 68 12.96 -15.82 17.99
N TYR A 69 12.05 -15.48 18.89
CA TYR A 69 12.43 -14.68 20.00
C TYR A 69 13.57 -15.38 20.75
N ARG A 70 13.40 -16.66 21.03
CA ARG A 70 14.37 -17.44 21.84
C ARG A 70 15.70 -17.66 21.13
N ALA A 71 15.66 -17.92 19.81
CA ALA A 71 16.86 -18.03 18.97
C ALA A 71 17.68 -16.76 18.99
N LEU A 72 17.04 -15.61 18.86
CA LEU A 72 17.75 -14.31 18.84
C LEU A 72 18.31 -13.94 20.23
N LYS A 73 17.54 -14.25 21.24
CA LYS A 73 17.88 -14.04 22.64
C LYS A 73 19.15 -14.82 23.00
N ASN A 74 19.23 -16.06 22.54
CA ASN A 74 20.40 -16.91 22.72
C ASN A 74 21.59 -16.46 21.89
N ALA A 75 21.33 -15.90 20.72
CA ALA A 75 22.37 -15.43 19.77
C ALA A 75 23.04 -14.14 20.26
N LEU A 76 22.31 -13.36 21.03
CA LEU A 76 22.82 -12.11 21.60
C LEU A 76 22.63 -12.12 23.11
N PRO A 77 23.52 -12.83 23.84
CA PRO A 77 23.40 -12.80 25.32
C PRO A 77 23.43 -11.34 25.90
N ASN A 78 22.53 -11.09 26.86
CA ASN A 78 22.43 -9.82 27.60
C ASN A 78 22.08 -8.56 26.79
N VAL A 79 21.45 -8.74 25.63
CA VAL A 79 20.91 -7.62 24.89
C VAL A 79 19.41 -7.68 25.15
N THR A 80 18.84 -6.58 25.62
CA THR A 80 17.39 -6.49 25.75
C THR A 80 16.68 -6.29 24.40
N LEU A 81 15.83 -7.25 24.05
CA LEU A 81 15.16 -7.21 22.74
C LEU A 81 13.82 -6.49 22.85
N HIS A 82 13.74 -5.38 22.16
CA HIS A 82 12.53 -4.57 22.01
C HIS A 82 11.92 -4.90 20.66
N TYR A 83 10.92 -5.79 20.66
CA TYR A 83 10.19 -6.12 19.43
C TYR A 83 9.61 -4.88 18.76
N ALA A 84 10.05 -4.62 17.53
CA ALA A 84 9.50 -3.58 16.69
C ALA A 84 8.13 -4.02 16.17
N LEU A 85 7.09 -3.37 16.65
CA LEU A 85 5.72 -3.61 16.17
C LEU A 85 5.54 -3.39 14.66
N LYS A 86 6.25 -2.44 14.05
CA LYS A 86 6.05 -2.02 12.61
C LYS A 86 5.75 -3.14 11.60
N PRO A 87 6.63 -4.17 11.51
CA PRO A 87 6.47 -5.28 10.57
C PRO A 87 5.23 -6.11 10.75
N LEU A 88 4.78 -6.28 12.00
CA LEU A 88 3.58 -7.05 12.24
C LEU A 88 3.02 -6.62 13.59
N PRO A 89 2.18 -5.57 13.58
CA PRO A 89 1.67 -4.93 14.78
C PRO A 89 0.46 -5.66 15.36
N HIS A 90 0.62 -6.97 15.55
CA HIS A 90 -0.50 -7.83 15.86
C HIS A 90 -0.63 -8.07 17.39
N PRO A 91 -1.84 -7.82 17.94
CA PRO A 91 -2.07 -7.99 19.38
C PRO A 91 -1.71 -9.35 19.92
N VAL A 92 -1.81 -10.41 19.12
CA VAL A 92 -1.45 -11.75 19.59
C VAL A 92 0.05 -11.89 19.71
N VAL A 93 0.76 -11.35 18.70
CA VAL A 93 2.21 -11.31 18.72
C VAL A 93 2.69 -10.54 19.94
N VAL A 94 2.07 -9.39 20.22
CA VAL A 94 2.42 -8.57 21.40
C VAL A 94 2.26 -9.32 22.75
N ARG A 95 1.12 -9.97 22.95
CA ARG A 95 0.89 -10.78 24.15
C ARG A 95 1.80 -11.99 24.23
N THR A 96 1.96 -12.72 23.12
CA THR A 96 2.86 -13.85 23.07
C THR A 96 4.26 -13.39 23.53
N LEU A 97 4.72 -12.28 22.98
CA LEU A 97 6.05 -11.78 23.30
C LEU A 97 6.19 -11.23 24.74
N LEU A 98 5.12 -10.60 25.22
CA LEU A 98 5.10 -10.10 26.61
C LEU A 98 5.25 -11.27 27.60
N ALA A 99 4.57 -12.39 27.34
CA ALA A 99 4.70 -13.59 28.18
C ALA A 99 6.09 -14.23 28.09
N GLU A 100 6.81 -14.04 26.99
CA GLU A 100 8.17 -14.53 26.81
C GLU A 100 9.21 -13.68 27.53
N GLY A 101 8.83 -12.47 27.89
CA GLY A 101 9.77 -11.57 28.57
C GLY A 101 10.36 -10.49 27.69
N ALA A 102 9.76 -10.31 26.51
CA ALA A 102 10.21 -9.33 25.54
C ALA A 102 9.85 -7.91 25.96
N SER A 103 10.59 -6.94 25.40
CA SER A 103 10.19 -5.54 25.48
C SER A 103 9.74 -5.10 24.07
N PHE A 104 9.41 -3.82 23.92
CA PHE A 104 8.71 -3.35 22.75
C PHE A 104 9.29 -2.06 22.20
N ASP A 105 9.29 -1.97 20.87
CA ASP A 105 9.78 -0.78 20.20
C ASP A 105 8.61 -0.16 19.45
N LEU A 106 8.27 1.07 19.83
CA LEU A 106 7.09 1.80 19.36
C LEU A 106 7.53 2.96 18.46
N ALA A 107 6.70 3.31 17.49
CA ALA A 107 7.02 4.37 16.53
C ALA A 107 5.87 5.38 16.45
N THR A 108 4.70 5.05 17.00
CA THR A 108 3.51 5.89 16.82
C THR A 108 2.48 5.69 17.91
N THR A 109 1.56 6.65 17.98
CA THR A 109 0.45 6.64 18.93
C THR A 109 -0.38 5.37 18.75
N GLY A 110 -0.57 4.90 17.51
CA GLY A 110 -1.36 3.68 17.26
C GLY A 110 -0.65 2.47 17.87
N GLU A 111 0.66 2.44 17.72
CA GLU A 111 1.47 1.43 18.37
C GLU A 111 1.43 1.49 19.90
N VAL A 112 1.63 2.69 20.47
CA VAL A 112 1.37 3.00 21.89
C VAL A 112 0.02 2.47 22.40
N GLU A 113 -1.06 2.87 21.73
CA GLU A 113 -2.40 2.34 22.02
C GLU A 113 -2.47 0.83 21.97
N LEU A 114 -1.79 0.21 20.99
CA LEU A 114 -1.81 -1.24 20.90
C LEU A 114 -1.15 -1.85 22.13
N VAL A 115 0.10 -1.49 22.43
CA VAL A 115 0.71 -2.08 23.64
C VAL A 115 -0.07 -1.78 24.94
N ALA A 116 -0.62 -0.58 25.07
CA ALA A 116 -1.36 -0.20 26.28
C ALA A 116 -2.60 -1.09 26.44
N SER A 117 -3.30 -1.33 25.35
CA SER A 117 -4.50 -2.18 25.43
C SER A 117 -4.18 -3.65 25.80
N GLU A 118 -2.96 -4.10 25.55
CA GLU A 118 -2.58 -5.50 25.84
C GLU A 118 -1.85 -5.65 27.18
N GLY A 119 -1.93 -4.61 28.01
CA GLY A 119 -1.32 -4.61 29.34
C GLY A 119 0.20 -4.56 29.37
N VAL A 120 0.85 -4.13 28.29
CA VAL A 120 2.30 -4.01 28.32
C VAL A 120 2.66 -2.86 29.29
N PRO A 121 3.50 -3.13 30.32
CA PRO A 121 3.91 -2.00 31.20
C PRO A 121 4.79 -1.04 30.40
N ALA A 122 4.68 0.25 30.71
CA ALA A 122 5.34 1.31 29.93
C ALA A 122 6.86 1.29 30.05
N ASP A 123 7.39 0.69 31.13
CA ASP A 123 8.86 0.56 31.29
C ASP A 123 9.50 -0.51 30.42
N LEU A 124 8.68 -1.28 29.70
CA LEU A 124 9.17 -2.28 28.75
C LEU A 124 9.24 -1.72 27.35
N THR A 125 8.96 -0.44 27.20
CA THR A 125 8.87 0.18 25.89
C THR A 125 9.86 1.34 25.72
N ILE A 126 10.28 1.53 24.47
CA ILE A 126 10.95 2.73 23.97
C ILE A 126 10.19 3.19 22.72
N HIS A 127 10.30 4.46 22.40
CA HIS A 127 9.61 5.06 21.28
C HIS A 127 10.77 5.53 20.42
N THR A 128 10.85 5.04 19.18
CA THR A 128 12.09 5.24 18.41
C THR A 128 11.88 6.03 17.13
N HIS A 129 10.70 6.61 16.94
CA HIS A 129 10.47 7.50 15.81
C HIS A 129 11.23 8.80 16.03
N PRO A 130 12.21 9.10 15.15
CA PRO A 130 13.04 10.31 15.31
C PRO A 130 12.37 11.64 15.10
N ILE A 131 11.22 11.69 14.42
CA ILE A 131 10.59 12.98 14.08
C ILE A 131 9.14 12.95 14.49
N LYS A 132 8.81 13.78 15.47
CA LYS A 132 7.55 13.63 16.21
C LYS A 132 6.85 14.95 16.33
N ARG A 133 5.54 14.92 16.13
CA ARG A 133 4.73 16.07 16.48
C ARG A 133 4.70 16.10 18.01
N ASP A 134 4.44 17.29 18.56
CA ASP A 134 4.25 17.45 19.99
C ASP A 134 3.21 16.42 20.52
N ALA A 135 2.09 16.27 19.83
CA ALA A 135 1.09 15.26 20.23
C ALA A 135 1.67 13.86 20.34
N ASP A 136 2.70 13.56 19.53
CA ASP A 136 3.27 12.21 19.47
C ASP A 136 4.10 11.95 20.71
N ILE A 137 4.76 13.00 21.18
CA ILE A 137 5.42 12.96 22.46
C ILE A 137 4.43 12.81 23.64
N ARG A 138 3.42 13.68 23.69
CA ARG A 138 2.43 13.67 24.78
C ARG A 138 1.63 12.37 24.84
N ASP A 139 1.19 11.83 23.69
CA ASP A 139 0.52 10.51 23.70
C ASP A 139 1.42 9.39 24.29
N ALA A 140 2.70 9.37 23.91
CA ALA A 140 3.63 8.38 24.47
C ALA A 140 3.86 8.59 25.97
N LEU A 141 4.13 9.85 26.34
CA LEU A 141 4.24 10.24 27.75
C LEU A 141 2.99 9.94 28.57
N ALA A 142 1.80 10.18 28.03
CA ALA A 142 0.58 9.83 28.80
C ALA A 142 0.50 8.35 29.16
N TYR A 143 0.92 7.46 28.25
CA TYR A 143 1.02 6.02 28.52
C TYR A 143 2.14 5.69 29.52
N GLY A 144 3.25 6.41 29.41
CA GLY A 144 4.30 6.41 30.42
C GLY A 144 5.61 6.07 29.76
N CYS A 145 5.63 6.06 28.42
CA CYS A 145 6.86 5.74 27.70
C CYS A 145 7.69 7.00 27.69
N ASN A 146 8.90 6.92 28.24
CA ASN A 146 9.72 8.12 28.39
C ASN A 146 11.11 8.02 27.79
N VAL A 147 11.32 7.00 26.97
CA VAL A 147 12.50 6.93 26.13
C VAL A 147 12.11 7.32 24.69
N PHE A 148 12.77 8.34 24.14
CA PHE A 148 12.59 8.80 22.75
C PHE A 148 13.92 8.92 22.00
N VAL A 149 13.82 9.13 20.70
CA VAL A 149 14.97 9.20 19.85
C VAL A 149 15.02 10.58 19.25
N VAL A 150 16.24 11.12 19.14
CA VAL A 150 16.46 12.34 18.36
C VAL A 150 17.70 12.11 17.53
N ASP A 151 17.81 12.87 16.45
CA ASP A 151 19.02 12.83 15.63
C ASP A 151 19.36 14.22 15.08
N ASN A 152 18.69 15.24 15.58
CA ASN A 152 18.98 16.63 15.19
C ASN A 152 18.48 17.55 16.29
N LEU A 153 18.92 18.81 16.24
CA LEU A 153 18.65 19.79 17.30
C LEU A 153 17.28 20.45 17.30
N ASN A 154 16.64 20.49 16.12
CA ASN A 154 15.24 20.86 15.98
C ASN A 154 14.34 19.90 16.79
N GLU A 155 14.66 18.60 16.72
CA GLU A 155 13.94 17.61 17.47
C GLU A 155 14.29 17.73 18.96
N LEU A 156 15.57 17.88 19.27
CA LEU A 156 15.97 18.01 20.68
C LEU A 156 15.13 19.09 21.38
N GLU A 157 14.92 20.20 20.68
CA GLU A 157 14.26 21.36 21.24
C GLU A 157 12.79 21.14 21.60
N LYS A 158 12.15 20.16 20.95
CA LYS A 158 10.77 19.79 21.25
C LYS A 158 10.66 19.15 22.63
N PHE A 159 11.81 18.80 23.21
CA PHE A 159 11.80 18.14 24.50
C PHE A 159 12.05 19.04 25.69
N LYS A 160 12.20 20.34 25.46
CA LYS A 160 12.34 21.32 26.55
C LYS A 160 11.20 21.28 27.55
N ALA A 161 9.97 21.16 27.06
CA ALA A 161 8.79 21.06 27.94
C ALA A 161 8.75 19.78 28.80
N TYR A 162 9.59 18.78 28.45
CA TYR A 162 9.52 17.43 29.01
C TYR A 162 10.82 16.97 29.68
N ARG A 163 11.74 17.92 29.93
CA ARG A 163 13.08 17.64 30.46
C ARG A 163 13.13 16.87 31.81
N ASP A 164 12.00 16.87 32.53
CA ASP A 164 11.90 16.17 33.81
C ASP A 164 11.38 14.76 33.64
N ASP A 165 10.94 14.45 32.41
CA ASP A 165 10.14 13.26 32.14
C ASP A 165 10.86 12.28 31.23
N VAL A 166 11.75 12.77 30.38
CA VAL A 166 12.28 11.93 29.31
C VAL A 166 13.76 11.61 29.44
N GLU A 167 14.16 10.53 28.80
CA GLU A 167 15.58 10.30 28.54
C GLU A 167 15.71 9.87 27.09
N LEU A 168 16.73 10.40 26.41
CA LEU A 168 16.78 10.33 24.94
C LEU A 168 17.88 9.43 24.40
N LEU A 169 17.61 8.74 23.30
CA LEU A 169 18.63 8.04 22.54
C LEU A 169 19.01 8.94 21.37
N VAL A 170 20.31 9.13 21.13
CA VAL A 170 20.76 9.92 20.00
C VAL A 170 21.07 8.89 18.89
N ARG A 171 20.36 9.02 17.76
CA ARG A 171 20.48 8.07 16.66
C ARG A 171 21.49 8.55 15.63
N LEU A 172 22.47 7.69 15.37
CA LEU A 172 23.58 8.02 14.48
C LEU A 172 23.40 7.27 13.18
N SER A 173 23.88 7.84 12.08
CA SER A 173 24.03 7.04 10.86
C SER A 173 25.49 6.97 10.41
N PHE A 174 25.80 5.94 9.61
CA PHE A 174 27.19 5.66 9.19
C PHE A 174 27.34 5.57 7.67
N LYS A 185 20.43 6.65 5.65
CA LYS A 185 19.98 7.48 4.51
C LYS A 185 18.90 8.60 4.84
N LYS A 186 17.97 8.32 5.75
CA LYS A 186 16.82 9.18 6.07
C LYS A 186 16.91 9.76 7.48
N PHE A 187 17.46 8.94 8.39
CA PHE A 187 17.58 9.30 9.79
C PHE A 187 19.01 9.05 10.28
N GLY A 188 19.34 9.73 11.38
CA GLY A 188 20.60 9.54 12.07
C GLY A 188 21.58 10.65 11.78
N CYS A 189 22.21 11.17 12.83
CA CYS A 189 23.21 12.23 12.66
C CYS A 189 24.60 11.61 12.56
N SER A 190 25.60 12.39 12.17
CA SER A 190 26.98 11.95 12.17
C SER A 190 27.53 11.88 13.61
N PRO A 191 28.62 11.12 13.81
CA PRO A 191 29.29 11.12 15.12
C PRO A 191 29.60 12.54 15.68
N GLU A 192 30.06 13.47 14.84
CA GLU A 192 30.33 14.87 15.22
C GLU A 192 29.07 15.63 15.64
N GLN A 193 28.02 15.54 14.80
CA GLN A 193 26.73 16.15 15.08
C GLN A 193 26.12 15.58 16.38
N ALA A 194 26.35 14.28 16.63
CA ALA A 194 25.81 13.68 17.84
C ALA A 194 26.39 14.34 19.06
N LEU A 195 27.64 14.77 18.97
CA LEU A 195 28.32 15.38 20.14
C LEU A 195 27.77 16.76 20.44
N VAL A 196 27.45 17.50 19.38
CA VAL A 196 26.67 18.73 19.45
C VAL A 196 25.32 18.52 20.12
N ILE A 197 24.58 17.49 19.72
CA ILE A 197 23.27 17.19 20.30
C ILE A 197 23.40 16.87 21.78
N ILE A 198 24.39 16.06 22.12
CA ILE A 198 24.69 15.70 23.52
C ILE A 198 25.16 16.90 24.38
N GLU A 199 25.98 17.80 23.83
CA GLU A 199 26.41 18.99 24.59
C GLU A 199 25.25 19.95 24.83
N THR A 200 24.44 20.13 23.79
CA THR A 200 23.27 20.98 23.84
C THR A 200 22.16 20.44 24.75
N ALA A 201 22.02 19.13 24.82
CA ALA A 201 21.07 18.50 25.73
C ALA A 201 21.47 18.84 27.17
N LYS A 202 22.78 18.89 27.44
CA LYS A 202 23.30 19.27 28.75
C LYS A 202 22.93 20.70 29.10
N GLU A 203 23.30 21.64 28.24
CA GLU A 203 22.96 23.06 28.42
C GLU A 203 21.48 23.28 28.69
N TRP A 204 20.63 22.44 28.09
CA TRP A 204 19.17 22.55 28.19
C TRP A 204 18.54 21.64 29.22
N ASN A 205 19.37 20.86 29.91
CA ASN A 205 18.91 20.02 31.02
C ASN A 205 18.05 18.83 30.61
N ILE A 206 18.44 18.24 29.49
CA ILE A 206 17.78 17.08 28.94
C ILE A 206 18.73 15.90 29.05
N ARG A 207 18.24 14.81 29.66
CA ARG A 207 19.03 13.59 29.86
C ARG A 207 19.18 12.82 28.55
N ILE A 208 20.41 12.36 28.29
CA ILE A 208 20.70 11.45 27.19
C ILE A 208 20.89 10.03 27.77
N LYS A 209 20.03 9.12 27.36
CA LYS A 209 20.07 7.72 27.81
C LYS A 209 21.20 6.97 27.11
N GLY A 210 21.39 7.27 25.84
CA GLY A 210 22.48 6.67 25.09
C GLY A 210 22.47 6.98 23.62
N LEU A 211 22.99 6.03 22.85
CA LEU A 211 23.09 6.10 21.42
C LEU A 211 22.29 4.96 20.77
N SER A 212 21.80 5.23 19.57
CA SER A 212 21.17 4.19 18.79
C SER A 212 21.56 4.27 17.33
N PHE A 213 21.40 3.16 16.62
CA PHE A 213 21.48 3.19 15.16
C PHE A 213 20.56 2.12 14.60
N HIS A 214 20.23 2.23 13.31
CA HIS A 214 19.63 1.11 12.59
C HIS A 214 20.41 0.91 11.28
N VAL A 215 21.05 -0.25 11.10
CA VAL A 215 21.89 -0.43 9.90
C VAL A 215 21.11 -0.74 8.63
N GLY A 216 19.81 -0.97 8.74
CA GLY A 216 18.99 -1.36 7.58
C GLY A 216 18.34 -2.72 7.78
N SER A 217 17.17 -2.90 7.16
CA SER A 217 16.41 -4.14 7.30
C SER A 217 17.03 -5.23 6.39
N GLN A 218 16.99 -6.49 6.88
CA GLN A 218 17.58 -7.63 6.14
C GLN A 218 19.06 -7.37 5.83
N THR A 219 19.83 -7.10 6.86
CA THR A 219 21.25 -6.95 6.68
C THR A 219 21.82 -8.34 6.65
N THR A 220 22.63 -8.65 5.64
CA THR A 220 23.19 -9.98 5.52
C THR A 220 24.66 -10.01 5.95
N ASN A 221 25.22 -8.83 6.16
CA ASN A 221 26.60 -8.67 6.59
C ASN A 221 26.65 -8.08 8.02
N PRO A 222 27.02 -8.92 9.01
CA PRO A 222 27.06 -8.51 10.41
C PRO A 222 28.10 -7.42 10.68
N ASN A 223 29.06 -7.24 9.78
CA ASN A 223 30.13 -6.24 9.97
C ASN A 223 29.65 -4.82 9.96
N LYS A 224 28.49 -4.57 9.35
CA LYS A 224 27.80 -3.29 9.51
C LYS A 224 27.46 -2.95 10.97
N TYR A 225 26.98 -3.95 11.73
CA TYR A 225 26.71 -3.72 13.17
C TYR A 225 28.02 -3.48 13.91
N VAL A 226 29.01 -4.32 13.60
CA VAL A 226 30.32 -4.29 14.22
C VAL A 226 30.93 -2.91 14.07
N GLU A 227 30.97 -2.41 12.84
CA GLU A 227 31.53 -1.08 12.54
C GLU A 227 30.80 0.03 13.28
N ALA A 228 29.47 -0.07 13.31
CA ALA A 228 28.61 0.88 14.02
C ALA A 228 28.86 0.82 15.49
N ILE A 229 29.04 -0.37 16.05
CA ILE A 229 29.31 -0.52 17.48
C ILE A 229 30.66 0.10 17.85
N HIS A 230 31.68 -0.17 17.04
CA HIS A 230 33.00 0.43 17.24
C HIS A 230 33.00 1.95 17.26
N THR A 231 32.18 2.54 16.41
CA THR A 231 32.08 3.97 16.31
C THR A 231 31.36 4.56 17.50
N CYS A 232 30.29 3.87 17.93
CA CYS A 232 29.55 4.28 19.10
C CYS A 232 30.45 4.20 20.32
N ARG A 233 31.24 3.13 20.45
CA ARG A 233 32.31 3.06 21.46
C ARG A 233 33.13 4.35 21.58
N HIS A 234 33.66 4.80 20.44
CA HIS A 234 34.40 6.03 20.34
C HIS A 234 33.61 7.25 20.74
N VAL A 235 32.38 7.37 20.26
CA VAL A 235 31.56 8.52 20.59
C VAL A 235 31.28 8.55 22.10
N MET A 236 30.93 7.40 22.66
CA MET A 236 30.67 7.27 24.10
C MET A 236 31.88 7.70 24.96
N GLU A 237 33.09 7.40 24.49
CA GLU A 237 34.34 7.80 25.17
C GLU A 237 34.62 9.30 25.09
N GLN A 238 34.36 9.85 23.90
CA GLN A 238 34.54 11.27 23.62
C GLN A 238 33.67 12.13 24.51
N VAL A 239 32.46 11.62 24.77
CA VAL A 239 31.48 12.22 25.67
C VAL A 239 32.03 12.28 27.09
N VAL A 240 32.67 11.20 27.53
CA VAL A 240 33.28 11.16 28.86
C VAL A 240 34.47 12.13 29.00
N GLU A 241 35.36 12.12 27.99
CA GLU A 241 36.52 13.02 27.94
C GLU A 241 36.17 14.51 27.84
N ARG A 242 35.02 14.82 27.24
CA ARG A 242 34.52 16.19 27.23
C ARG A 242 33.84 16.55 28.56
N GLY A 243 33.83 15.60 29.50
CA GLY A 243 33.21 15.82 30.81
C GLY A 243 31.71 16.03 30.74
N LEU A 244 31.05 15.31 29.82
CA LEU A 244 29.58 15.21 29.77
C LEU A 244 29.18 13.92 30.52
N PRO A 245 27.89 13.79 30.90
CA PRO A 245 27.40 12.57 31.55
C PRO A 245 27.63 11.34 30.67
N ALA A 246 28.15 10.27 31.28
CA ALA A 246 28.44 9.04 30.58
C ALA A 246 27.14 8.45 29.98
N LEU A 247 27.22 7.91 28.77
CA LEU A 247 26.02 7.31 28.18
C LEU A 247 25.84 5.89 28.73
N SER A 248 24.61 5.56 29.09
CA SER A 248 24.30 4.32 29.76
C SER A 248 23.89 3.19 28.81
N THR A 249 23.41 3.57 27.62
CA THR A 249 22.72 2.64 26.72
C THR A 249 23.28 2.68 25.28
N LEU A 250 23.42 1.49 24.67
CA LEU A 250 23.64 1.33 23.22
C LEU A 250 22.51 0.49 22.61
N ASP A 251 21.85 1.06 21.61
CA ASP A 251 20.74 0.43 20.99
C ASP A 251 21.14 0.07 19.53
N ILE A 252 21.36 -1.21 19.27
CA ILE A 252 21.89 -1.66 17.98
C ILE A 252 20.85 -1.81 16.84
N GLY A 253 19.61 -1.37 17.12
CA GLY A 253 18.48 -1.40 16.15
C GLY A 253 18.07 -2.79 15.71
N GLY A 254 17.42 -2.90 14.55
CA GLY A 254 17.01 -4.20 14.01
C GLY A 254 17.84 -4.58 12.81
N GLY A 255 17.20 -5.27 11.86
CA GLY A 255 17.87 -5.65 10.61
C GLY A 255 18.39 -7.07 10.47
N PHE A 256 18.29 -7.86 11.56
CA PHE A 256 18.67 -9.29 11.61
C PHE A 256 17.94 -10.04 10.51
N PRO A 257 18.69 -10.84 9.72
CA PRO A 257 18.15 -11.42 8.49
C PRO A 257 17.41 -12.75 8.66
N VAL A 258 16.43 -12.99 7.78
CA VAL A 258 15.80 -14.32 7.72
C VAL A 258 15.90 -14.98 6.33
N ASN A 259 15.68 -16.28 6.30
CA ASN A 259 15.64 -17.00 5.03
C ASN A 259 14.37 -16.66 4.29
N TYR A 260 14.54 -16.16 3.07
CA TYR A 260 13.46 -16.15 2.08
C TYR A 260 13.74 -17.24 1.05
N THR A 261 14.14 -16.87 -0.16
CA THR A 261 14.46 -17.86 -1.17
C THR A 261 15.96 -18.16 -1.17
N GLN A 262 16.76 -17.24 -0.60
CA GLN A 262 18.21 -17.41 -0.50
C GLN A 262 18.62 -17.61 0.97
N GLN A 263 19.38 -18.67 1.25
CA GLN A 263 19.84 -18.93 2.62
C GLN A 263 20.68 -17.78 3.19
N VAL A 264 20.35 -17.35 4.41
CA VAL A 264 21.19 -16.34 5.08
C VAL A 264 22.00 -17.05 6.16
N MET A 265 22.97 -16.31 6.70
CA MET A 265 23.82 -16.77 7.81
C MET A 265 22.95 -17.15 9.02
N PRO A 266 23.15 -18.37 9.58
CA PRO A 266 22.43 -18.73 10.83
C PRO A 266 22.65 -17.66 11.90
N ILE A 267 21.66 -17.42 12.74
CA ILE A 267 21.68 -16.26 13.63
C ILE A 267 22.86 -16.25 14.62
N ASP A 268 23.28 -17.44 15.07
CA ASP A 268 24.43 -17.60 15.97
C ASP A 268 25.74 -17.12 15.39
N GLN A 269 26.05 -17.60 14.20
CA GLN A 269 27.21 -17.14 13.45
C GLN A 269 27.11 -15.68 13.09
N PHE A 270 25.90 -15.22 12.69
CA PHE A 270 25.66 -13.83 12.37
C PHE A 270 25.97 -12.89 13.56
N CYS A 271 25.51 -13.27 14.74
CA CYS A 271 25.64 -12.45 15.94
C CYS A 271 27.00 -12.58 16.65
N ALA A 272 27.78 -13.61 16.32
CA ALA A 272 29.10 -13.81 16.95
C ALA A 272 30.05 -12.57 16.86
N PRO A 273 30.28 -12.02 15.65
CA PRO A 273 31.17 -10.84 15.67
C PRO A 273 30.48 -9.61 16.31
N ILE A 274 29.15 -9.65 16.47
CA ILE A 274 28.45 -8.56 17.10
C ILE A 274 28.71 -8.61 18.61
N ASN A 275 28.55 -9.77 19.20
CA ASN A 275 28.91 -9.99 20.62
C ASN A 275 30.35 -9.62 20.98
N GLU A 276 31.26 -9.99 20.10
CA GLU A 276 32.67 -9.59 20.20
C GLU A 276 32.82 -8.08 20.34
N ALA A 277 32.18 -7.34 19.42
CA ALA A 277 32.21 -5.87 19.44
C ALA A 277 31.60 -5.27 20.71
N LEU A 278 30.48 -5.84 21.16
CA LEU A 278 29.79 -5.41 22.36
C LEU A 278 30.59 -5.70 23.63
N SER A 279 31.38 -6.77 23.63
CA SER A 279 32.17 -7.11 24.80
C SER A 279 33.29 -6.08 25.06
N LEU A 280 33.52 -5.16 24.12
CA LEU A 280 34.58 -4.16 24.25
C LEU A 280 34.06 -2.89 24.90
N LEU A 281 32.76 -2.87 25.16
CA LEU A 281 32.09 -1.75 25.78
C LEU A 281 32.20 -1.90 27.29
N PRO A 282 32.12 -0.76 28.04
CA PRO A 282 32.04 -0.91 29.49
C PRO A 282 30.91 -1.87 29.85
N GLU A 283 31.15 -2.76 30.82
CA GLU A 283 30.09 -3.70 31.28
C GLU A 283 28.95 -2.96 32.00
N THR A 284 29.17 -1.66 32.23
CA THR A 284 28.19 -0.67 32.68
C THR A 284 27.05 -0.43 31.64
N VAL A 285 27.41 -0.50 30.35
CA VAL A 285 26.52 -0.13 29.26
C VAL A 285 25.46 -1.20 29.07
N HIS A 286 24.20 -0.77 29.07
CA HIS A 286 23.10 -1.67 28.75
C HIS A 286 22.94 -1.67 27.22
N VAL A 287 22.85 -2.87 26.62
CA VAL A 287 22.65 -3.02 25.19
C VAL A 287 21.21 -3.43 24.86
N LEU A 288 20.59 -2.68 23.96
CA LEU A 288 19.25 -2.90 23.47
C LEU A 288 19.33 -3.24 21.99
N ALA A 289 18.32 -3.96 21.52
CA ALA A 289 18.20 -4.18 20.09
C ALA A 289 16.72 -4.02 19.76
N GLU A 290 16.41 -3.79 18.48
CA GLU A 290 15.02 -3.53 18.06
C GLU A 290 14.59 -4.54 16.97
N PRO A 291 14.67 -5.83 17.27
CA PRO A 291 14.30 -6.78 16.24
C PRO A 291 12.81 -6.68 15.79
N GLY A 292 12.55 -6.63 14.47
CA GLY A 292 11.18 -6.81 13.98
C GLY A 292 11.09 -8.10 13.18
N ARG A 293 11.51 -8.01 11.92
CA ARG A 293 11.43 -9.06 10.90
C ARG A 293 11.88 -10.46 11.33
N PHE A 294 13.00 -10.53 12.05
CA PHE A 294 13.53 -11.81 12.50
C PHE A 294 12.55 -12.60 13.39
N ILE A 295 11.78 -11.90 14.18
CA ILE A 295 10.83 -12.57 15.04
C ILE A 295 9.50 -12.92 14.33
N CYS A 296 8.97 -12.00 13.52
CA CYS A 296 7.62 -12.19 12.95
C CYS A 296 7.57 -12.89 11.58
N ALA A 297 8.57 -12.64 10.73
CA ALA A 297 8.54 -13.08 9.34
C ALA A 297 8.35 -14.60 9.11
N PRO A 298 9.13 -15.46 9.81
CA PRO A 298 8.95 -16.89 9.60
C PRO A 298 7.70 -17.46 10.23
N ALA A 299 7.00 -16.67 11.03
CA ALA A 299 5.87 -17.14 11.84
C ALA A 299 4.55 -17.15 11.08
N VAL A 300 4.52 -16.61 9.87
CA VAL A 300 3.25 -16.43 9.14
C VAL A 300 3.33 -17.16 7.81
N THR A 301 2.25 -17.83 7.45
CA THR A 301 2.18 -18.59 6.18
C THR A 301 0.94 -18.04 5.50
N SER A 302 1.07 -17.57 4.26
CA SER A 302 -0.07 -17.01 3.55
C SER A 302 -0.78 -18.11 2.73
N VAL A 303 -2.10 -17.96 2.61
CA VAL A 303 -2.93 -18.89 1.85
C VAL A 303 -3.82 -18.04 0.95
N ALA A 304 -3.70 -18.25 -0.35
CA ALA A 304 -4.56 -17.63 -1.34
C ALA A 304 -5.21 -18.73 -2.18
N SER A 305 -6.31 -18.42 -2.83
CA SER A 305 -7.00 -19.40 -3.65
C SER A 305 -7.15 -18.84 -5.06
N VAL A 306 -7.19 -19.73 -6.05
CA VAL A 306 -7.33 -19.36 -7.47
C VAL A 306 -8.77 -18.95 -7.73
N MET A 307 -9.00 -17.67 -8.05
CA MET A 307 -10.36 -17.19 -8.36
C MET A 307 -10.74 -17.52 -9.79
N GLY A 308 -9.74 -17.55 -10.67
CA GLY A 308 -9.97 -17.71 -12.09
C GLY A 308 -8.65 -17.85 -12.79
N GLN A 309 -8.73 -18.14 -14.09
CA GLN A 309 -7.55 -18.49 -14.86
C GLN A 309 -7.81 -18.46 -16.38
N ALA A 310 -6.76 -18.20 -17.14
CA ALA A 310 -6.79 -18.13 -18.60
C ALA A 310 -5.40 -18.47 -19.12
N GLU A 311 -5.32 -19.11 -20.27
CA GLU A 311 -4.05 -19.19 -20.93
C GLU A 311 -3.80 -17.92 -21.70
N ARG A 312 -2.74 -17.22 -21.33
CA ARG A 312 -2.37 -16.00 -22.05
C ARG A 312 -0.94 -16.13 -22.54
N GLU A 313 -0.74 -15.99 -23.85
CA GLU A 313 0.58 -15.96 -24.45
C GLU A 313 1.54 -17.00 -23.87
N GLY A 314 1.16 -18.26 -23.97
CA GLY A 314 2.05 -19.36 -23.62
C GLY A 314 2.24 -19.60 -22.14
N GLN A 315 1.39 -18.99 -21.33
CA GLN A 315 1.45 -19.22 -19.88
C GLN A 315 0.02 -19.31 -19.32
N ILE A 316 -0.16 -20.13 -18.31
CA ILE A 316 -1.42 -20.12 -17.56
C ILE A 316 -1.36 -19.04 -16.49
N TRP A 317 -2.26 -18.07 -16.61
CA TRP A 317 -2.45 -17.03 -15.62
C TRP A 317 -3.51 -17.48 -14.61
N TYR A 318 -3.10 -17.49 -13.34
CA TYR A 318 -4.01 -17.70 -12.20
C TYR A 318 -4.17 -16.37 -11.46
N TYR A 319 -5.41 -15.92 -11.36
CA TYR A 319 -5.82 -14.71 -10.62
C TYR A 319 -6.22 -15.12 -9.20
N LEU A 320 -5.40 -14.73 -8.22
CA LEU A 320 -5.60 -15.10 -6.81
C LEU A 320 -6.38 -14.01 -6.09
N ASP A 321 -6.87 -14.34 -4.92
CA ASP A 321 -7.68 -13.41 -4.13
C ASP A 321 -6.79 -12.59 -3.16
N ASP A 322 -5.47 -12.67 -3.33
CA ASP A 322 -4.50 -11.82 -2.58
C ASP A 322 -3.41 -11.38 -3.58
N GLY A 323 -2.82 -10.22 -3.36
CA GLY A 323 -1.74 -9.80 -4.28
C GLY A 323 -0.95 -8.66 -3.69
N ILE A 324 -0.44 -7.79 -4.56
CA ILE A 324 0.45 -6.68 -4.17
C ILE A 324 -0.22 -5.51 -3.43
N TYR A 325 -1.56 -5.41 -3.50
CA TYR A 325 -2.30 -4.44 -2.70
C TYR A 325 -2.78 -5.09 -1.39
N GLY A 326 -2.47 -6.39 -1.26
CA GLY A 326 -2.82 -7.17 -0.09
C GLY A 326 -1.55 -7.62 0.62
N SER A 327 -1.46 -8.92 0.84
CA SER A 327 -0.36 -9.53 1.59
C SER A 327 0.99 -9.46 0.88
N PHE A 328 0.96 -9.33 -0.45
CA PHE A 328 2.19 -9.29 -1.23
C PHE A 328 2.67 -7.88 -1.53
N SER A 329 2.17 -6.92 -0.75
CA SER A 329 2.53 -5.53 -0.91
C SER A 329 4.02 -5.32 -0.65
N GLY A 330 4.62 -6.23 0.12
CA GLY A 330 6.07 -6.35 0.27
C GLY A 330 6.85 -6.49 -1.03
N LEU A 331 6.25 -7.10 -2.06
CA LEU A 331 6.95 -7.23 -3.35
C LEU A 331 7.28 -5.82 -3.80
N MET A 332 6.42 -4.88 -3.39
CA MET A 332 6.46 -3.50 -3.82
C MET A 332 7.23 -2.62 -2.85
N PHE A 333 6.86 -2.63 -1.57
CA PHE A 333 7.45 -1.74 -0.56
C PHE A 333 8.70 -2.28 0.12
N ASP A 334 8.89 -3.60 0.08
CA ASP A 334 9.98 -4.27 0.79
C ASP A 334 10.93 -4.96 -0.20
N ASP A 335 10.79 -4.63 -1.49
CA ASP A 335 11.58 -5.26 -2.56
C ASP A 335 11.68 -6.81 -2.36
N ALA A 336 10.55 -7.45 -2.02
CA ALA A 336 10.57 -8.81 -1.44
C ALA A 336 10.48 -9.92 -2.46
N ARG A 337 10.80 -11.13 -2.00
CA ARG A 337 10.64 -12.36 -2.76
C ARG A 337 10.43 -13.49 -1.76
N TYR A 338 9.25 -14.09 -1.80
CA TYR A 338 8.85 -15.13 -0.86
C TYR A 338 8.83 -16.51 -1.53
N PRO A 339 9.22 -17.57 -0.78
CA PRO A 339 9.02 -18.92 -1.31
C PRO A 339 7.52 -19.16 -1.54
N LEU A 340 7.18 -19.80 -2.65
CA LEU A 340 5.79 -20.07 -2.95
C LEU A 340 5.68 -21.52 -3.34
N THR A 341 4.54 -22.09 -2.99
CA THR A 341 4.28 -23.48 -3.32
C THR A 341 2.79 -23.68 -3.55
N THR A 342 2.42 -24.90 -3.87
CA THR A 342 1.03 -25.28 -3.99
C THR A 342 0.85 -26.59 -3.24
N ILE A 343 -0.38 -26.79 -2.75
CA ILE A 343 -0.79 -28.04 -2.16
C ILE A 343 -0.88 -29.13 -3.24
N LYS A 344 -1.13 -28.71 -4.47
CA LYS A 344 -1.18 -29.63 -5.60
C LYS A 344 0.15 -30.28 -5.88
N GLN A 345 1.20 -29.52 -6.19
CA GLN A 345 2.53 -30.15 -6.36
C GLN A 345 2.39 -31.59 -6.87
N GLY A 346 2.19 -31.77 -8.18
CA GLY A 346 1.67 -33.03 -8.74
C GLY A 346 2.24 -33.63 -10.02
N GLY A 347 1.76 -33.18 -11.18
CA GLY A 347 2.11 -33.83 -12.46
C GLY A 347 2.95 -33.00 -13.40
N GLU A 348 2.44 -32.76 -14.61
CA GLU A 348 3.06 -31.88 -15.59
C GLU A 348 3.11 -30.46 -15.04
N LEU A 349 4.30 -29.86 -15.07
CA LEU A 349 4.52 -28.49 -14.59
C LEU A 349 4.53 -27.55 -15.77
N ILE A 350 3.64 -26.56 -15.71
CA ILE A 350 3.38 -25.60 -16.80
C ILE A 350 3.84 -24.19 -16.38
N PRO A 351 4.53 -23.46 -17.29
CA PRO A 351 4.92 -22.07 -17.07
C PRO A 351 3.69 -21.24 -16.80
N SER A 352 3.63 -20.61 -15.62
CA SER A 352 2.43 -19.95 -15.17
C SER A 352 2.75 -18.54 -14.71
N VAL A 353 1.71 -17.75 -14.46
CA VAL A 353 1.77 -16.43 -13.86
C VAL A 353 0.76 -16.42 -12.69
N LEU A 354 1.21 -15.93 -11.53
CA LEU A 354 0.35 -15.70 -10.35
C LEU A 354 0.11 -14.20 -10.24
N SER A 355 -1.15 -13.82 -10.46
CA SER A 355 -1.59 -12.45 -10.49
C SER A 355 -2.43 -12.23 -9.23
N GLY A 356 -2.44 -11.01 -8.69
CA GLY A 356 -3.37 -10.67 -7.60
C GLY A 356 -4.78 -10.45 -8.13
N PRO A 357 -5.73 -10.10 -7.24
CA PRO A 357 -7.15 -9.86 -7.54
C PRO A 357 -7.53 -8.55 -8.23
N THR A 358 -6.70 -7.50 -8.11
CA THR A 358 -7.04 -6.17 -8.64
C THR A 358 -6.86 -6.14 -10.16
N CYS A 359 -7.55 -5.23 -10.86
CA CYS A 359 -7.46 -5.10 -12.32
C CYS A 359 -6.19 -4.36 -12.79
N ASP A 360 -5.23 -4.22 -11.87
CA ASP A 360 -4.00 -3.48 -12.11
C ASP A 360 -2.93 -4.45 -12.59
N SER A 361 -2.28 -4.10 -13.69
CA SER A 361 -1.25 -4.94 -14.31
C SER A 361 0.05 -4.99 -13.48
N VAL A 362 0.19 -4.04 -12.56
CA VAL A 362 1.30 -4.09 -11.59
C VAL A 362 1.14 -5.28 -10.60
N ASP A 363 -0.12 -5.66 -10.33
CA ASP A 363 -0.48 -6.71 -9.37
C ASP A 363 -0.27 -8.14 -9.90
N VAL A 364 1.00 -8.54 -9.95
CA VAL A 364 1.43 -9.85 -10.37
C VAL A 364 2.43 -10.28 -9.29
N ILE A 365 2.27 -11.47 -8.73
CA ILE A 365 3.17 -11.87 -7.66
C ILE A 365 4.31 -12.77 -8.11
N ALA A 366 4.15 -13.38 -9.30
CA ALA A 366 5.21 -14.22 -9.86
C ALA A 366 4.94 -14.49 -11.35
N GLU A 367 5.98 -14.36 -12.18
CA GLU A 367 5.87 -14.58 -13.64
C GLU A 367 6.75 -15.78 -14.00
N ASN A 368 6.21 -16.71 -14.81
CA ASN A 368 6.96 -17.89 -15.32
C ASN A 368 7.40 -18.83 -14.16
N ILE A 369 6.47 -19.01 -13.24
CA ILE A 369 6.64 -19.97 -12.15
C ILE A 369 6.08 -21.27 -12.70
N LEU A 370 6.80 -22.39 -12.52
CA LEU A 370 6.39 -23.66 -13.10
C LEU A 370 5.52 -24.41 -12.09
N LEU A 371 4.22 -24.45 -12.37
CA LEU A 371 3.30 -25.05 -11.43
C LEU A 371 2.50 -26.13 -12.12
N PRO A 372 1.99 -27.10 -11.34
CA PRO A 372 1.08 -28.05 -11.96
C PRO A 372 -0.22 -27.34 -12.32
N LYS A 373 -1.07 -28.02 -13.08
CA LYS A 373 -2.35 -27.44 -13.47
C LYS A 373 -3.21 -27.30 -12.22
N LEU A 374 -3.77 -26.10 -12.01
CA LEU A 374 -4.67 -25.86 -10.87
C LEU A 374 -6.08 -25.55 -11.31
N ASN A 375 -7.05 -26.00 -10.54
CA ASN A 375 -8.44 -25.63 -10.73
C ASN A 375 -8.72 -24.36 -9.95
N ASN A 376 -9.80 -23.66 -10.28
CA ASN A 376 -10.23 -22.52 -9.44
C ASN A 376 -10.50 -23.05 -8.05
N GLY A 377 -10.16 -22.28 -7.01
CA GLY A 377 -10.35 -22.73 -5.63
C GLY A 377 -9.11 -23.41 -5.06
N ASP A 378 -8.15 -23.73 -5.90
CA ASP A 378 -6.92 -24.39 -5.45
C ASP A 378 -6.02 -23.38 -4.71
N LEU A 379 -5.14 -23.90 -3.87
CA LEU A 379 -4.42 -23.07 -2.97
C LEU A 379 -2.96 -22.84 -3.43
N VAL A 380 -2.57 -21.59 -3.28
CA VAL A 380 -1.21 -21.08 -3.45
C VAL A 380 -0.70 -20.56 -2.08
N ILE A 381 0.43 -21.13 -1.64
CA ILE A 381 0.95 -20.97 -0.28
C ILE A 381 2.28 -20.15 -0.30
N GLY A 382 2.32 -19.10 0.53
CA GLY A 382 3.53 -18.28 0.62
C GLY A 382 4.19 -18.51 1.97
N ARG A 383 5.50 -18.66 1.97
CA ARG A 383 6.22 -18.84 3.27
C ARG A 383 6.99 -17.57 3.72
N THR A 384 7.38 -17.48 4.99
CA THR A 384 8.10 -16.26 5.51
C THR A 384 7.29 -14.99 5.19
N MET A 385 5.99 -15.09 5.43
CA MET A 385 5.00 -14.06 5.06
C MET A 385 4.63 -13.17 6.25
N GLY A 386 5.43 -13.20 7.30
CA GLY A 386 5.12 -12.47 8.54
C GLY A 386 5.44 -10.97 8.65
N ALA A 387 6.55 -10.54 8.06
CA ALA A 387 7.02 -9.16 8.18
C ALA A 387 6.83 -8.31 6.92
N TYR A 388 6.32 -7.08 7.13
CA TYR A 388 6.08 -6.09 6.06
C TYR A 388 5.19 -6.63 4.94
N THR A 389 4.11 -7.28 5.35
CA THR A 389 3.20 -7.93 4.42
C THR A 389 1.81 -7.35 4.66
N SER A 390 1.01 -7.99 5.51
CA SER A 390 -0.33 -7.46 5.87
C SER A 390 -0.25 -6.04 6.45
N ALA A 391 0.84 -5.74 7.17
CA ALA A 391 1.08 -4.37 7.73
C ALA A 391 1.06 -3.24 6.67
N THR A 392 1.43 -3.59 5.43
CA THR A 392 1.43 -2.62 4.32
C THR A 392 0.35 -2.91 3.22
N ALA A 393 -0.67 -3.69 3.60
CA ALA A 393 -1.85 -3.97 2.80
C ALA A 393 -2.73 -2.73 2.62
N THR A 394 -3.47 -2.69 1.51
CA THR A 394 -4.33 -1.57 1.19
C THR A 394 -5.81 -2.05 1.12
N ASP A 395 -6.73 -1.12 0.96
CA ASP A 395 -8.11 -1.43 0.71
C ASP A 395 -8.51 -1.19 -0.78
N PHE A 396 -7.52 -1.21 -1.67
CA PHE A 396 -7.75 -0.92 -3.10
C PHE A 396 -8.82 -1.83 -3.70
N ASN A 397 -9.70 -1.27 -4.53
CA ASN A 397 -10.84 -2.00 -5.10
C ASN A 397 -11.87 -2.45 -4.06
N PHE A 398 -11.59 -2.16 -2.77
CA PHE A 398 -12.38 -2.66 -1.63
C PHE A 398 -12.31 -4.18 -1.53
N PHE A 399 -11.29 -4.76 -2.14
CA PHE A 399 -11.04 -6.18 -1.97
C PHE A 399 -10.78 -6.47 -0.50
N LYS A 400 -11.34 -7.57 0.01
CA LYS A 400 -11.17 -7.88 1.42
C LYS A 400 -9.75 -8.37 1.71
N ARG A 401 -9.17 -7.82 2.77
CA ARG A 401 -7.86 -8.24 3.28
C ARG A 401 -7.91 -9.68 3.75
N ALA A 402 -6.81 -10.40 3.55
CA ALA A 402 -6.63 -11.71 4.16
C ALA A 402 -6.98 -11.63 5.64
N GLN A 403 -7.62 -12.66 6.17
CA GLN A 403 -7.91 -12.75 7.58
C GLN A 403 -6.74 -13.44 8.28
N THR A 404 -6.24 -12.84 9.36
CA THR A 404 -5.15 -13.47 10.10
C THR A 404 -5.68 -14.45 11.17
N ILE A 405 -5.22 -15.69 11.09
CA ILE A 405 -5.61 -16.71 12.06
C ILE A 405 -4.46 -17.04 13.02
N ALA A 406 -4.67 -16.76 14.30
CA ALA A 406 -3.64 -16.94 15.33
C ALA A 406 -3.75 -18.28 15.96
N LEU A 407 -2.65 -19.03 15.85
CA LEU A 407 -2.57 -20.41 16.34
C LEU A 407 -1.56 -20.51 17.45
N ASN A 408 -1.85 -21.37 18.43
CA ASN A 408 -0.89 -21.75 19.44
C ASN A 408 -0.47 -20.64 20.40
N GLU A 409 -1.34 -19.66 20.69
CA GLU A 409 -0.95 -18.62 21.68
C GLU A 409 -0.63 -19.25 23.03
N PHE A 410 -1.53 -20.11 23.51
CA PHE A 410 -1.41 -20.81 24.78
C PHE A 410 -1.44 -22.30 24.56
N VAL B 37 1.32 28.24 -8.86
CA VAL B 37 0.72 29.26 -7.95
C VAL B 37 -0.64 28.78 -7.41
N LEU B 38 -0.99 29.26 -6.22
CA LEU B 38 -2.31 29.08 -5.65
C LEU B 38 -2.86 30.48 -5.48
N SER B 39 -4.15 30.66 -5.76
CA SER B 39 -4.81 31.95 -5.59
C SER B 39 -4.91 32.29 -4.10
N ALA B 40 -5.10 33.56 -3.78
CA ALA B 40 -5.32 33.98 -2.40
C ALA B 40 -6.51 33.24 -1.80
N GLU B 41 -7.51 32.98 -2.64
CA GLU B 41 -8.74 32.32 -2.22
C GLU B 41 -8.54 30.81 -1.98
N GLU B 42 -7.74 30.17 -2.84
CA GLU B 42 -7.35 28.78 -2.66
C GLU B 42 -6.53 28.62 -1.37
N ILE B 43 -5.54 29.49 -1.17
CA ILE B 43 -4.78 29.58 0.08
C ILE B 43 -5.67 29.70 1.33
N HIS B 44 -6.69 30.56 1.27
CA HIS B 44 -7.60 30.76 2.41
C HIS B 44 -8.39 29.50 2.79
N LEU B 45 -9.03 28.89 1.80
CA LEU B 45 -9.67 27.58 1.91
C LEU B 45 -8.78 26.49 2.51
N ILE B 46 -7.62 26.25 1.90
CA ILE B 46 -6.66 25.28 2.44
C ILE B 46 -6.37 25.55 3.94
N GLU B 47 -6.10 26.81 4.25
CA GLU B 47 -5.73 27.21 5.61
C GLU B 47 -6.89 27.10 6.62
N ALA B 48 -8.09 27.46 6.18
CA ALA B 48 -9.30 27.33 7.00
C ALA B 48 -9.54 25.88 7.32
N SER B 49 -9.51 25.06 6.27
CA SER B 49 -9.73 23.62 6.36
C SER B 49 -8.80 22.92 7.35
N VAL B 50 -7.53 23.34 7.39
CA VAL B 50 -6.55 22.79 8.34
C VAL B 50 -6.88 23.19 9.79
N GLU B 51 -7.20 24.46 10.03
CA GLU B 51 -7.65 24.91 11.35
C GLU B 51 -8.68 23.94 11.93
N GLN B 52 -9.75 23.72 11.17
CA GLN B 52 -10.90 22.95 11.59
C GLN B 52 -10.69 21.42 11.69
N PHE B 53 -9.89 20.85 10.79
CA PHE B 53 -9.77 19.40 10.72
C PHE B 53 -8.37 18.85 11.02
N GLY B 54 -7.37 19.71 10.97
CA GLY B 54 -6.02 19.24 11.28
C GLY B 54 -5.32 18.80 10.01
N ALA B 55 -4.29 17.98 10.15
CA ALA B 55 -3.46 17.63 9.03
C ALA B 55 -2.99 16.21 9.25
N PRO B 56 -2.83 15.41 8.17
CA PRO B 56 -3.01 15.67 6.75
C PRO B 56 -4.47 15.60 6.24
N LEU B 57 -4.73 16.32 5.16
CA LEU B 57 -6.06 16.41 4.59
C LEU B 57 -6.12 16.14 3.09
N LEU B 58 -7.28 15.69 2.63
CA LEU B 58 -7.56 15.73 1.21
C LEU B 58 -8.80 16.57 1.00
N LEU B 59 -8.62 17.71 0.34
CA LEU B 59 -9.75 18.62 0.04
C LEU B 59 -10.41 18.19 -1.27
N LEU B 60 -11.65 17.71 -1.17
CA LEU B 60 -12.37 17.27 -2.31
C LEU B 60 -13.33 18.34 -2.74
N ASP B 61 -13.12 18.85 -3.94
CA ASP B 61 -13.98 19.90 -4.46
C ASP B 61 -15.04 19.30 -5.38
N CYS B 62 -16.26 19.22 -4.86
CA CYS B 62 -17.39 18.70 -5.63
C CYS B 62 -17.69 19.47 -6.91
N ASP B 63 -17.31 20.76 -6.96
CA ASP B 63 -17.54 21.55 -8.18
C ASP B 63 -16.67 21.07 -9.34
N VAL B 64 -15.46 20.58 -9.02
CA VAL B 64 -14.54 20.05 -10.03
C VAL B 64 -14.97 18.66 -10.50
N ILE B 65 -15.58 17.88 -9.61
CA ILE B 65 -16.19 16.57 -9.97
C ILE B 65 -17.27 16.76 -11.04
N ARG B 66 -18.11 17.77 -10.82
CA ARG B 66 -19.11 18.26 -11.74
C ARG B 66 -18.48 18.84 -13.01
N GLN B 67 -17.52 19.75 -12.83
CA GLN B 67 -16.80 20.40 -13.93
C GLN B 67 -16.18 19.35 -14.87
N GLN B 68 -15.58 18.31 -14.32
CA GLN B 68 -14.90 17.25 -15.11
C GLN B 68 -15.86 16.30 -15.84
N TYR B 69 -16.91 15.88 -15.16
CA TYR B 69 -17.98 15.08 -15.78
C TYR B 69 -18.58 15.75 -17.02
N ARG B 70 -19.02 17.01 -16.84
CA ARG B 70 -19.67 17.79 -17.88
C ARG B 70 -18.73 18.01 -19.07
N ALA B 71 -17.45 18.24 -18.80
CA ALA B 71 -16.44 18.46 -19.85
C ALA B 71 -16.29 17.19 -20.66
N LEU B 72 -16.19 16.05 -19.98
CA LEU B 72 -16.06 14.77 -20.69
C LEU B 72 -17.34 14.44 -21.45
N LYS B 73 -18.48 14.62 -20.78
CA LYS B 73 -19.78 14.53 -21.43
C LYS B 73 -19.86 15.37 -22.72
N ASN B 74 -19.45 16.65 -22.65
CA ASN B 74 -19.39 17.53 -23.81
C ASN B 74 -18.38 17.04 -24.89
N ALA B 75 -17.24 16.51 -24.44
CA ALA B 75 -16.16 16.06 -25.33
C ALA B 75 -16.49 14.78 -26.09
N LEU B 76 -17.16 13.87 -25.40
CA LEU B 76 -17.61 12.61 -25.96
C LEU B 76 -19.14 12.55 -25.90
N PRO B 77 -19.83 13.25 -26.84
CA PRO B 77 -21.30 13.23 -26.81
C PRO B 77 -21.82 11.84 -27.20
N ASN B 78 -23.00 11.47 -26.71
CA ASN B 78 -23.60 10.16 -27.04
C ASN B 78 -22.75 8.94 -26.60
N VAL B 79 -21.88 9.16 -25.62
CA VAL B 79 -21.20 8.06 -24.90
C VAL B 79 -21.76 8.08 -23.49
N THR B 80 -22.25 6.94 -23.00
CA THR B 80 -22.72 6.86 -21.62
C THR B 80 -21.51 6.71 -20.68
N LEU B 81 -21.42 7.61 -19.70
CA LEU B 81 -20.24 7.68 -18.88
C LEU B 81 -20.46 7.00 -17.52
N HIS B 82 -19.76 5.90 -17.35
CA HIS B 82 -19.84 5.06 -16.18
C HIS B 82 -18.62 5.37 -15.30
N TYR B 83 -18.78 6.24 -14.32
CA TYR B 83 -17.70 6.50 -13.40
C TYR B 83 -17.11 5.22 -12.72
N ALA B 84 -15.81 5.04 -12.90
CA ALA B 84 -15.06 3.98 -12.21
C ALA B 84 -14.79 4.38 -10.76
N LEU B 85 -15.40 3.66 -9.83
CA LEU B 85 -15.23 3.97 -8.41
C LEU B 85 -13.80 3.78 -7.94
N LYS B 86 -13.11 2.83 -8.56
CA LYS B 86 -11.76 2.39 -8.19
C LYS B 86 -10.70 3.45 -7.75
N PRO B 87 -10.45 4.48 -8.61
CA PRO B 87 -9.47 5.54 -8.30
C PRO B 87 -9.86 6.40 -7.09
N LEU B 88 -11.16 6.50 -6.83
CA LEU B 88 -11.71 7.28 -5.73
C LEU B 88 -13.16 6.89 -5.41
N PRO B 89 -13.33 5.85 -4.59
CA PRO B 89 -14.67 5.37 -4.27
C PRO B 89 -15.29 6.11 -3.08
N HIS B 90 -15.26 7.44 -3.07
CA HIS B 90 -15.79 8.23 -1.98
C HIS B 90 -17.32 8.44 -2.12
N PRO B 91 -18.10 8.23 -1.05
CA PRO B 91 -19.57 8.39 -1.16
C PRO B 91 -20.06 9.77 -1.64
N VAL B 92 -19.28 10.83 -1.41
CA VAL B 92 -19.68 12.18 -1.88
C VAL B 92 -19.47 12.34 -3.37
N VAL B 93 -18.43 11.72 -3.91
CA VAL B 93 -18.23 11.66 -5.37
C VAL B 93 -19.42 10.95 -6.04
N VAL B 94 -19.80 9.80 -5.50
CA VAL B 94 -20.94 9.04 -5.97
C VAL B 94 -22.22 9.87 -5.95
N ARG B 95 -22.51 10.58 -4.84
CA ARG B 95 -23.73 11.41 -4.76
C ARG B 95 -23.67 12.58 -5.73
N THR B 96 -22.52 13.24 -5.80
CA THR B 96 -22.31 14.37 -6.71
C THR B 96 -22.52 13.94 -8.16
N LEU B 97 -21.92 12.82 -8.55
CA LEU B 97 -22.05 12.27 -9.91
C LEU B 97 -23.46 11.77 -10.28
N LEU B 98 -24.10 11.05 -9.35
CA LEU B 98 -25.46 10.57 -9.53
C LEU B 98 -26.43 11.71 -9.83
N ALA B 99 -26.25 12.85 -9.14
CA ALA B 99 -27.08 14.03 -9.33
C ALA B 99 -26.86 14.71 -10.68
N GLU B 100 -25.65 14.54 -11.23
CA GLU B 100 -25.28 15.02 -12.57
C GLU B 100 -25.85 14.17 -13.71
N GLY B 101 -26.38 12.99 -13.38
CA GLY B 101 -26.87 12.03 -14.37
C GLY B 101 -25.83 10.99 -14.80
N ALA B 102 -24.72 10.85 -14.06
CA ALA B 102 -23.67 9.90 -14.43
C ALA B 102 -24.09 8.49 -14.14
N SER B 103 -23.41 7.55 -14.79
CA SER B 103 -23.56 6.11 -14.51
C SER B 103 -22.31 5.60 -13.79
N PHE B 104 -22.18 4.30 -13.59
CA PHE B 104 -21.18 3.80 -12.63
C PHE B 104 -20.58 2.50 -13.07
N ASP B 105 -19.27 2.38 -12.81
CA ASP B 105 -18.49 1.19 -13.17
C ASP B 105 -17.92 0.52 -11.89
N LEU B 106 -18.35 -0.72 -11.63
CA LEU B 106 -18.08 -1.45 -10.38
C LEU B 106 -17.09 -2.61 -10.61
N ALA B 107 -16.22 -2.86 -9.64
CA ALA B 107 -15.21 -3.91 -9.80
C ALA B 107 -15.33 -4.97 -8.71
N THR B 108 -15.96 -4.59 -7.59
CA THR B 108 -16.08 -5.49 -6.44
C THR B 108 -17.39 -5.31 -5.70
N THR B 109 -17.56 -6.17 -4.70
CA THR B 109 -18.71 -6.19 -3.81
C THR B 109 -18.70 -4.94 -2.94
N GLY B 110 -17.53 -4.58 -2.39
CA GLY B 110 -17.39 -3.31 -1.69
C GLY B 110 -18.00 -2.17 -2.47
N GLU B 111 -17.67 -2.09 -3.75
CA GLU B 111 -18.12 -1.01 -4.63
C GLU B 111 -19.62 -1.04 -4.89
N VAL B 112 -20.16 -2.25 -5.07
CA VAL B 112 -21.61 -2.51 -5.11
C VAL B 112 -22.32 -1.98 -3.85
N GLU B 113 -21.85 -2.41 -2.68
CA GLU B 113 -22.31 -1.87 -1.39
C GLU B 113 -22.28 -0.35 -1.30
N LEU B 114 -21.19 0.26 -1.76
CA LEU B 114 -21.08 1.72 -1.76
C LEU B 114 -22.21 2.40 -2.55
N VAL B 115 -22.33 2.06 -3.84
CA VAL B 115 -23.37 2.64 -4.70
C VAL B 115 -24.76 2.41 -4.10
N ALA B 116 -24.97 1.21 -3.56
CA ALA B 116 -26.24 0.83 -2.95
C ALA B 116 -26.54 1.68 -1.73
N SER B 117 -25.54 1.87 -0.88
CA SER B 117 -25.71 2.72 0.31
C SER B 117 -26.04 4.19 -0.04
N GLU B 118 -25.68 4.63 -1.25
CA GLU B 118 -26.03 5.98 -1.75
C GLU B 118 -27.26 5.96 -2.65
N GLY B 119 -27.98 4.83 -2.67
CA GLY B 119 -29.21 4.68 -3.47
C GLY B 119 -29.04 5.00 -4.95
N VAL B 120 -27.95 4.50 -5.53
CA VAL B 120 -27.71 4.56 -6.98
C VAL B 120 -28.51 3.41 -7.59
N PRO B 121 -29.47 3.72 -8.50
CA PRO B 121 -30.25 2.65 -9.15
C PRO B 121 -29.36 1.70 -9.95
N ALA B 122 -29.47 0.40 -9.69
CA ALA B 122 -28.61 -0.60 -10.33
C ALA B 122 -28.63 -0.63 -11.87
N ASP B 123 -29.65 -0.05 -12.49
CA ASP B 123 -29.73 0.01 -13.96
C ASP B 123 -28.73 1.00 -14.55
N LEU B 124 -28.14 1.79 -13.67
CA LEU B 124 -27.10 2.74 -14.03
C LEU B 124 -25.70 2.17 -13.82
N THR B 125 -25.60 0.87 -13.54
CA THR B 125 -24.30 0.27 -13.22
C THR B 125 -23.89 -0.84 -14.17
N ILE B 126 -22.56 -1.03 -14.29
CA ILE B 126 -21.97 -2.22 -14.91
C ILE B 126 -20.89 -2.73 -13.96
N HIS B 127 -20.59 -4.02 -14.06
CA HIS B 127 -19.54 -4.64 -13.27
C HIS B 127 -18.46 -5.04 -14.24
N THR B 128 -17.23 -4.61 -13.98
CA THR B 128 -16.19 -4.75 -14.98
C THR B 128 -15.01 -5.61 -14.58
N HIS B 129 -15.04 -6.21 -13.39
CA HIS B 129 -13.96 -7.13 -13.09
C HIS B 129 -14.05 -8.43 -13.94
N PRO B 130 -13.02 -8.70 -14.76
CA PRO B 130 -13.07 -9.88 -15.65
C PRO B 130 -12.98 -11.27 -14.98
N ILE B 131 -12.60 -11.33 -13.68
CA ILE B 131 -12.36 -12.57 -12.95
C ILE B 131 -13.02 -12.55 -11.55
N LYS B 132 -14.06 -13.35 -11.38
CA LYS B 132 -15.00 -13.20 -10.27
C LYS B 132 -15.23 -14.54 -9.62
N ARG B 133 -15.37 -14.55 -8.30
CA ARG B 133 -15.77 -15.74 -7.60
C ARG B 133 -17.27 -15.81 -7.75
N ASP B 134 -17.83 -17.01 -7.59
CA ASP B 134 -19.28 -17.17 -7.70
C ASP B 134 -19.99 -16.10 -6.83
N ALA B 135 -19.52 -15.92 -5.60
CA ALA B 135 -20.05 -14.90 -4.67
C ALA B 135 -20.02 -13.45 -5.18
N ASP B 136 -18.93 -13.04 -5.87
CA ASP B 136 -18.85 -11.73 -6.49
C ASP B 136 -19.98 -11.49 -7.49
N ILE B 137 -20.26 -12.51 -8.30
CA ILE B 137 -21.37 -12.48 -9.25
C ILE B 137 -22.69 -12.32 -8.51
N ARG B 138 -22.89 -13.17 -7.49
CA ARG B 138 -24.13 -13.18 -6.69
C ARG B 138 -24.40 -11.86 -5.97
N ASP B 139 -23.36 -11.34 -5.29
CA ASP B 139 -23.41 -10.03 -4.62
C ASP B 139 -23.88 -8.90 -5.55
N ALA B 140 -23.30 -8.81 -6.74
CA ALA B 140 -23.68 -7.78 -7.71
C ALA B 140 -25.12 -7.96 -8.26
N LEU B 141 -25.49 -9.18 -8.59
CA LEU B 141 -26.84 -9.51 -9.07
C LEU B 141 -27.90 -9.23 -8.00
N ALA B 142 -27.62 -9.62 -6.76
CA ALA B 142 -28.56 -9.36 -5.66
C ALA B 142 -28.91 -7.86 -5.56
N TYR B 143 -27.90 -7.00 -5.70
CA TYR B 143 -28.10 -5.54 -5.79
C TYR B 143 -28.91 -5.10 -7.02
N GLY B 144 -28.70 -5.79 -8.14
CA GLY B 144 -29.42 -5.51 -9.38
C GLY B 144 -28.55 -5.20 -10.59
N CYS B 145 -27.23 -5.39 -10.46
CA CYS B 145 -26.31 -5.14 -11.60
C CYS B 145 -26.19 -6.43 -12.38
N ASN B 146 -26.46 -6.35 -13.69
CA ASN B 146 -26.52 -7.57 -14.52
C ASN B 146 -25.64 -7.53 -15.78
N VAL B 147 -24.78 -6.54 -15.86
CA VAL B 147 -23.76 -6.46 -16.90
C VAL B 147 -22.41 -6.83 -16.27
N PHE B 148 -21.68 -7.74 -16.93
CA PHE B 148 -20.41 -8.31 -16.43
C PHE B 148 -19.42 -8.51 -17.56
N VAL B 149 -18.16 -8.67 -17.19
CA VAL B 149 -17.10 -8.82 -18.17
C VAL B 149 -16.54 -10.23 -18.15
N VAL B 150 -16.22 -10.74 -19.33
CA VAL B 150 -15.42 -11.96 -19.47
C VAL B 150 -14.30 -11.66 -20.47
N ASP B 151 -13.16 -12.33 -20.32
CA ASP B 151 -12.14 -12.32 -21.35
C ASP B 151 -11.58 -13.72 -21.60
N ASN B 152 -12.21 -14.72 -21.01
CA ASN B 152 -11.78 -16.11 -21.15
C ASN B 152 -12.92 -17.10 -20.92
N LEU B 153 -12.72 -18.33 -21.41
CA LEU B 153 -13.76 -19.37 -21.39
C LEU B 153 -14.02 -19.94 -20.00
N ASN B 154 -12.96 -20.05 -19.18
CA ASN B 154 -13.11 -20.42 -17.76
C ASN B 154 -14.12 -19.50 -17.06
N GLU B 155 -14.02 -18.20 -17.28
CA GLU B 155 -14.95 -17.22 -16.73
C GLU B 155 -16.33 -17.27 -17.39
N LEU B 156 -16.38 -17.55 -18.70
CA LEU B 156 -17.69 -17.67 -19.40
C LEU B 156 -18.56 -18.77 -18.82
N GLU B 157 -17.90 -19.86 -18.38
CA GLU B 157 -18.50 -21.07 -17.81
C GLU B 157 -19.14 -20.75 -16.44
N LYS B 158 -18.56 -19.78 -15.73
CA LYS B 158 -19.14 -19.29 -14.50
C LYS B 158 -20.53 -18.68 -14.71
N PHE B 159 -20.90 -18.42 -15.96
CA PHE B 159 -22.15 -17.73 -16.24
C PHE B 159 -23.30 -18.62 -16.69
N LYS B 160 -23.03 -19.93 -16.80
CA LYS B 160 -24.03 -20.90 -17.24
C LYS B 160 -25.15 -21.03 -16.20
N ALA B 161 -24.74 -21.01 -14.93
CA ALA B 161 -25.67 -20.94 -13.78
C ALA B 161 -26.60 -19.71 -13.83
N TYR B 162 -26.13 -18.60 -14.40
CA TYR B 162 -26.83 -17.31 -14.35
C TYR B 162 -27.37 -16.78 -15.68
N ARG B 163 -27.38 -17.62 -16.73
CA ARG B 163 -27.64 -17.14 -18.11
C ARG B 163 -28.91 -16.33 -18.31
N ASP B 164 -29.90 -16.52 -17.43
CA ASP B 164 -31.16 -15.75 -17.53
C ASP B 164 -31.10 -14.39 -16.81
N ASP B 165 -29.99 -14.10 -16.14
CA ASP B 165 -29.85 -12.88 -15.35
C ASP B 165 -28.90 -11.83 -15.98
N VAL B 166 -27.98 -12.29 -16.83
CA VAL B 166 -26.84 -11.46 -17.29
C VAL B 166 -26.75 -11.18 -18.80
N GLU B 167 -25.99 -10.14 -19.12
CA GLU B 167 -25.50 -9.88 -20.47
C GLU B 167 -24.04 -9.48 -20.33
N LEU B 168 -23.18 -10.06 -21.18
CA LEU B 168 -21.74 -9.92 -20.99
C LEU B 168 -21.04 -9.06 -22.03
N LEU B 169 -20.10 -8.25 -21.55
CA LEU B 169 -19.14 -7.58 -22.41
C LEU B 169 -17.87 -8.40 -22.45
N VAL B 170 -17.33 -8.57 -23.65
CA VAL B 170 -16.10 -9.33 -23.86
C VAL B 170 -15.00 -8.33 -23.97
N ARG B 171 -13.96 -8.46 -23.15
CA ARG B 171 -12.90 -7.47 -23.09
C ARG B 171 -11.78 -7.96 -23.95
N LEU B 172 -11.35 -7.12 -24.89
CA LEU B 172 -10.28 -7.47 -25.81
C LEU B 172 -9.03 -6.69 -25.40
N SER B 173 -7.88 -7.27 -25.70
CA SER B 173 -6.61 -6.52 -25.78
C SER B 173 -5.98 -6.91 -27.11
N PHE B 174 -5.08 -6.08 -27.63
CA PHE B 174 -4.48 -6.33 -28.96
C PHE B 174 -3.06 -5.79 -29.04
N SER B 184 -0.81 -4.42 -19.25
CA SER B 184 -1.30 -4.75 -20.58
C SER B 184 -1.46 -6.24 -20.83
N LYS B 185 -0.52 -7.06 -20.39
CA LYS B 185 -0.64 -8.53 -20.60
C LYS B 185 -1.80 -9.19 -19.80
N LYS B 186 -2.31 -8.51 -18.78
CA LYS B 186 -3.09 -9.16 -17.70
C LYS B 186 -4.55 -9.54 -18.04
N PHE B 187 -5.28 -8.60 -18.62
CA PHE B 187 -6.67 -8.82 -19.08
C PHE B 187 -6.93 -8.53 -20.58
N GLY B 188 -7.97 -9.16 -21.11
CA GLY B 188 -8.41 -8.97 -22.48
C GLY B 188 -8.02 -10.16 -23.30
N CYS B 189 -8.91 -10.61 -24.16
CA CYS B 189 -8.61 -11.66 -25.11
C CYS B 189 -8.27 -11.06 -26.47
N SER B 190 -7.63 -11.86 -27.32
CA SER B 190 -7.36 -11.48 -28.69
C SER B 190 -8.67 -11.37 -29.49
N PRO B 191 -8.66 -10.57 -30.56
CA PRO B 191 -9.80 -10.52 -31.49
C PRO B 191 -10.29 -11.90 -31.86
N GLU B 192 -9.38 -12.80 -32.25
CA GLU B 192 -9.70 -14.20 -32.58
C GLU B 192 -10.32 -15.02 -31.45
N GLN B 193 -9.75 -14.94 -30.24
CA GLN B 193 -10.32 -15.55 -29.02
C GLN B 193 -11.69 -14.95 -28.70
N ALA B 194 -11.85 -13.65 -28.94
CA ALA B 194 -13.13 -12.97 -28.70
C ALA B 194 -14.29 -13.63 -29.42
N LEU B 195 -14.04 -14.03 -30.67
CA LEU B 195 -14.99 -14.77 -31.50
C LEU B 195 -15.33 -16.12 -30.87
N VAL B 196 -14.33 -16.92 -30.52
CA VAL B 196 -14.50 -18.21 -29.83
C VAL B 196 -15.47 -18.13 -28.65
N ILE B 197 -15.27 -17.09 -27.83
CA ILE B 197 -16.06 -16.81 -26.63
C ILE B 197 -17.51 -16.45 -26.95
N ILE B 198 -17.70 -15.49 -27.86
CA ILE B 198 -19.04 -15.11 -28.35
C ILE B 198 -19.79 -16.35 -28.91
N GLU B 199 -19.12 -17.14 -29.74
CA GLU B 199 -19.64 -18.42 -30.26
C GLU B 199 -20.09 -19.41 -29.20
N THR B 200 -19.18 -19.73 -28.27
CA THR B 200 -19.45 -20.61 -27.12
C THR B 200 -20.63 -20.10 -26.27
N ALA B 201 -20.73 -18.78 -26.14
CA ALA B 201 -21.79 -18.10 -25.42
C ALA B 201 -23.12 -18.29 -26.13
N LYS B 202 -23.10 -18.40 -27.47
CA LYS B 202 -24.29 -18.82 -28.16
C LYS B 202 -24.62 -20.23 -27.71
N GLU B 203 -23.73 -21.21 -27.95
CA GLU B 203 -24.07 -22.62 -27.67
C GLU B 203 -24.64 -22.79 -26.24
N TRP B 204 -24.08 -22.04 -25.30
CA TRP B 204 -24.46 -22.08 -23.88
C TRP B 204 -25.66 -21.19 -23.49
N ASN B 205 -26.13 -20.36 -24.43
CA ASN B 205 -27.28 -19.45 -24.26
C ASN B 205 -26.99 -18.28 -23.32
N ILE B 206 -25.73 -17.85 -23.26
CA ILE B 206 -25.38 -16.67 -22.48
C ILE B 206 -25.43 -15.50 -23.45
N ARG B 207 -26.17 -14.46 -23.07
CA ARG B 207 -26.25 -13.25 -23.87
C ARG B 207 -24.95 -12.43 -23.83
N ILE B 208 -24.47 -12.05 -25.00
CA ILE B 208 -23.37 -11.10 -25.12
C ILE B 208 -23.92 -9.73 -25.52
N LYS B 209 -23.66 -8.75 -24.65
CA LYS B 209 -24.07 -7.37 -24.81
C LYS B 209 -23.15 -6.61 -25.77
N GLY B 210 -21.88 -6.99 -25.82
CA GLY B 210 -20.92 -6.32 -26.72
C GLY B 210 -19.48 -6.49 -26.28
N LEU B 211 -18.65 -5.54 -26.68
CA LEU B 211 -17.23 -5.64 -26.47
C LEU B 211 -16.74 -4.50 -25.60
N SER B 212 -15.68 -4.76 -24.85
CA SER B 212 -14.97 -3.68 -24.16
C SER B 212 -13.45 -3.77 -24.35
N PHE B 213 -12.76 -2.71 -23.96
CA PHE B 213 -11.30 -2.70 -23.84
C PHE B 213 -10.89 -1.60 -22.87
N HIS B 214 -9.65 -1.69 -22.36
CA HIS B 214 -9.02 -0.56 -21.68
C HIS B 214 -7.58 -0.40 -22.16
N VAL B 215 -7.22 0.79 -22.65
CA VAL B 215 -5.92 0.96 -23.30
C VAL B 215 -4.82 1.35 -22.32
N GLY B 216 -5.21 1.57 -21.05
CA GLY B 216 -4.29 1.95 -19.98
C GLY B 216 -4.62 3.30 -19.36
N SER B 217 -4.30 3.44 -18.08
CA SER B 217 -4.58 4.66 -17.32
C SER B 217 -3.63 5.78 -17.77
N GLN B 218 -4.06 7.04 -17.69
CA GLN B 218 -3.30 8.23 -18.15
C GLN B 218 -2.75 8.00 -19.58
N THR B 219 -3.64 7.70 -20.51
CA THR B 219 -3.27 7.62 -21.92
C THR B 219 -3.29 9.04 -22.50
N THR B 220 -2.11 9.52 -22.87
CA THR B 220 -1.93 10.89 -23.34
C THR B 220 -2.00 10.98 -24.87
N ASN B 221 -1.98 9.82 -25.53
CA ASN B 221 -2.19 9.78 -26.97
C ASN B 221 -3.57 9.22 -27.37
N PRO B 222 -4.48 10.07 -27.92
CA PRO B 222 -5.82 9.57 -28.31
C PRO B 222 -5.86 8.48 -29.40
N ASN B 223 -4.77 8.31 -30.16
CA ASN B 223 -4.73 7.37 -31.30
C ASN B 223 -4.88 5.93 -30.89
N LYS B 224 -4.43 5.62 -29.67
CA LYS B 224 -4.57 4.29 -29.09
C LYS B 224 -6.02 3.81 -29.03
N TYR B 225 -6.91 4.70 -28.54
CA TYR B 225 -8.36 4.51 -28.58
C TYR B 225 -8.88 4.32 -30.01
N VAL B 226 -8.41 5.17 -30.92
CA VAL B 226 -8.79 5.09 -32.34
C VAL B 226 -8.50 3.68 -32.90
N GLU B 227 -7.26 3.21 -32.73
CA GLU B 227 -6.81 1.86 -33.16
C GLU B 227 -7.66 0.71 -32.57
N ALA B 228 -7.88 0.78 -31.26
CA ALA B 228 -8.77 -0.12 -30.55
C ALA B 228 -10.23 -0.10 -31.05
N ILE B 229 -10.76 1.09 -31.33
CA ILE B 229 -12.15 1.20 -31.83
C ILE B 229 -12.29 0.55 -33.23
N HIS B 230 -11.30 0.80 -34.08
CA HIS B 230 -11.27 0.20 -35.40
C HIS B 230 -11.30 -1.35 -35.31
N THR B 231 -10.40 -1.93 -34.53
CA THR B 231 -10.37 -3.36 -34.25
C THR B 231 -11.74 -3.89 -33.75
N CYS B 232 -12.31 -3.25 -32.75
CA CYS B 232 -13.58 -3.70 -32.19
C CYS B 232 -14.71 -3.67 -33.23
N ARG B 233 -14.65 -2.70 -34.14
CA ARG B 233 -15.57 -2.61 -35.29
C ARG B 233 -15.45 -3.83 -36.21
N HIS B 234 -14.22 -4.20 -36.58
CA HIS B 234 -13.98 -5.39 -37.43
C HIS B 234 -14.43 -6.70 -36.74
N VAL B 235 -14.14 -6.84 -35.45
CA VAL B 235 -14.67 -7.97 -34.68
C VAL B 235 -16.22 -7.98 -34.69
N MET B 236 -16.83 -6.82 -34.44
CA MET B 236 -18.30 -6.70 -34.48
C MET B 236 -18.86 -7.08 -35.85
N GLU B 237 -18.18 -6.63 -36.93
CA GLU B 237 -18.51 -7.08 -38.30
C GLU B 237 -18.42 -8.59 -38.43
N GLN B 238 -17.29 -9.17 -38.03
CA GLN B 238 -17.09 -10.62 -38.11
C GLN B 238 -18.16 -11.44 -37.39
N VAL B 239 -18.52 -11.05 -36.17
CA VAL B 239 -19.63 -11.67 -35.43
C VAL B 239 -20.92 -11.78 -36.28
N VAL B 240 -21.30 -10.69 -36.96
CA VAL B 240 -22.57 -10.68 -37.73
C VAL B 240 -22.65 -11.68 -38.90
N GLU B 241 -21.79 -11.55 -39.92
CA GLU B 241 -21.84 -12.57 -40.98
C GLU B 241 -20.98 -13.76 -40.64
N ARG B 242 -21.21 -14.27 -39.44
CA ARG B 242 -20.75 -15.58 -39.00
C ARG B 242 -21.97 -16.29 -38.39
N GLY B 243 -23.12 -15.62 -38.44
CA GLY B 243 -24.40 -16.16 -37.99
C GLY B 243 -24.79 -15.86 -36.56
N LEU B 244 -23.95 -15.10 -35.86
CA LEU B 244 -24.07 -14.86 -34.40
C LEU B 244 -24.80 -13.55 -34.09
N PRO B 245 -25.51 -13.48 -32.94
CA PRO B 245 -26.25 -12.29 -32.57
C PRO B 245 -25.35 -11.04 -32.56
N ALA B 246 -25.78 -10.01 -33.29
CA ALA B 246 -25.04 -8.75 -33.43
C ALA B 246 -24.82 -8.08 -32.07
N LEU B 247 -23.68 -7.42 -31.93
CA LEU B 247 -23.28 -6.81 -30.66
C LEU B 247 -23.77 -5.35 -30.53
N SER B 248 -24.47 -5.05 -29.44
CA SER B 248 -25.18 -3.80 -29.26
C SER B 248 -24.33 -2.67 -28.68
N THR B 249 -23.21 -3.04 -28.04
CA THR B 249 -22.45 -2.12 -27.19
C THR B 249 -20.94 -2.14 -27.45
N LEU B 250 -20.33 -0.97 -27.36
CA LEU B 250 -18.87 -0.88 -27.27
C LEU B 250 -18.57 -0.02 -26.07
N ASP B 251 -17.78 -0.59 -25.17
CA ASP B 251 -17.35 0.05 -23.96
C ASP B 251 -15.87 0.36 -24.22
N ILE B 252 -15.53 1.64 -24.30
CA ILE B 252 -14.17 2.05 -24.69
C ILE B 252 -13.24 2.28 -23.51
N GLY B 253 -13.69 1.98 -22.28
CA GLY B 253 -12.84 2.08 -21.07
C GLY B 253 -12.58 3.46 -20.45
N GLY B 254 -11.53 3.53 -19.63
CA GLY B 254 -11.06 4.78 -19.03
C GLY B 254 -9.75 5.19 -19.69
N GLY B 255 -8.90 5.87 -18.91
CA GLY B 255 -7.56 6.27 -19.35
C GLY B 255 -7.44 7.71 -19.81
N PHE B 256 -8.57 8.43 -19.89
CA PHE B 256 -8.52 9.84 -20.30
C PHE B 256 -7.58 10.57 -19.32
N PRO B 257 -6.68 11.41 -19.86
CA PRO B 257 -5.59 11.88 -19.03
C PRO B 257 -5.85 13.24 -18.34
N VAL B 258 -5.18 13.50 -17.23
CA VAL B 258 -5.25 14.80 -16.54
C VAL B 258 -3.86 15.41 -16.36
N ASN B 259 -3.81 16.69 -16.00
CA ASN B 259 -2.54 17.39 -15.87
C ASN B 259 -1.88 16.99 -14.56
N TYR B 260 -0.63 16.56 -14.62
CA TYR B 260 0.15 16.39 -13.40
C TYR B 260 1.22 17.49 -13.35
N THR B 261 2.51 17.12 -13.39
CA THR B 261 3.61 18.11 -13.56
C THR B 261 3.74 18.65 -15.00
N GLN B 262 3.32 17.87 -15.99
CA GLN B 262 3.27 18.33 -17.38
C GLN B 262 1.83 18.42 -17.84
N GLN B 263 1.56 19.33 -18.75
CA GLN B 263 0.18 19.53 -19.23
C GLN B 263 -0.20 18.58 -20.36
N VAL B 264 -1.44 18.10 -20.31
CA VAL B 264 -1.99 17.22 -21.32
C VAL B 264 -3.01 17.95 -22.20
N MET B 265 -3.31 17.33 -23.33
CA MET B 265 -4.21 17.87 -24.32
C MET B 265 -5.58 18.13 -23.70
N PRO B 266 -6.20 19.29 -24.02
CA PRO B 266 -7.58 19.55 -23.56
C PRO B 266 -8.48 18.41 -23.99
N ILE B 267 -9.51 18.12 -23.19
CA ILE B 267 -10.35 16.96 -23.44
C ILE B 267 -11.10 16.97 -24.80
N ASP B 268 -11.57 18.14 -25.22
CA ASP B 268 -12.30 18.30 -26.48
C ASP B 268 -11.40 17.89 -27.66
N GLN B 269 -10.15 18.36 -27.61
CA GLN B 269 -9.14 18.04 -28.60
C GLN B 269 -8.70 16.59 -28.51
N PHE B 270 -8.55 16.09 -27.26
CA PHE B 270 -8.22 14.70 -27.05
C PHE B 270 -9.29 13.75 -27.67
N CYS B 271 -10.56 14.06 -27.46
CA CYS B 271 -11.65 13.14 -27.87
C CYS B 271 -12.13 13.30 -29.30
N ALA B 272 -11.68 14.35 -29.98
CA ALA B 272 -12.02 14.60 -31.38
C ALA B 272 -11.73 13.39 -32.31
N PRO B 273 -10.48 12.86 -32.34
CA PRO B 273 -10.29 11.67 -33.19
C PRO B 273 -10.99 10.41 -32.66
N ILE B 274 -11.27 10.37 -31.35
CA ILE B 274 -12.01 9.25 -30.77
C ILE B 274 -13.44 9.29 -31.37
N ASN B 275 -14.08 10.45 -31.32
CA ASN B 275 -15.46 10.63 -31.89
C ASN B 275 -15.51 10.27 -33.36
N GLU B 276 -14.46 10.63 -34.08
CA GLU B 276 -14.41 10.39 -35.51
C GLU B 276 -14.34 8.89 -35.76
N ALA B 277 -13.51 8.20 -34.97
CA ALA B 277 -13.43 6.72 -35.00
C ALA B 277 -14.78 6.05 -34.67
N LEU B 278 -15.49 6.56 -33.66
CA LEU B 278 -16.78 5.97 -33.24
C LEU B 278 -17.87 6.13 -34.26
N SER B 279 -17.76 7.16 -35.09
CA SER B 279 -18.76 7.49 -36.09
C SER B 279 -18.82 6.44 -37.21
N LEU B 280 -17.81 5.58 -37.28
CA LEU B 280 -17.72 4.50 -38.27
C LEU B 280 -18.51 3.26 -37.84
N LEU B 281 -18.77 3.15 -36.54
CA LEU B 281 -19.64 2.10 -35.98
C LEU B 281 -21.08 2.34 -36.44
N PRO B 282 -21.83 1.25 -36.67
CA PRO B 282 -23.25 1.43 -36.93
C PRO B 282 -23.88 2.21 -35.77
N GLU B 283 -24.58 3.31 -36.08
CA GLU B 283 -25.21 4.17 -35.03
C GLU B 283 -26.36 3.50 -34.27
N THR B 284 -26.46 2.19 -34.42
CA THR B 284 -27.28 1.28 -33.62
C THR B 284 -26.41 0.65 -32.48
N VAL B 285 -25.10 0.77 -32.63
CA VAL B 285 -24.20 0.36 -31.57
C VAL B 285 -24.18 1.45 -30.50
N HIS B 286 -24.42 1.06 -29.26
CA HIS B 286 -24.35 1.97 -28.14
C HIS B 286 -22.95 1.99 -27.49
N VAL B 287 -22.43 3.18 -27.23
CA VAL B 287 -21.09 3.39 -26.70
C VAL B 287 -21.11 3.84 -25.22
N LEU B 288 -20.30 3.13 -24.42
CA LEU B 288 -20.00 3.47 -23.01
C LEU B 288 -18.52 3.80 -22.86
N ALA B 289 -18.22 4.41 -21.73
CA ALA B 289 -16.86 4.64 -21.31
C ALA B 289 -16.90 4.38 -19.83
N GLU B 290 -15.71 4.14 -19.26
CA GLU B 290 -15.52 3.97 -17.81
C GLU B 290 -14.46 4.95 -17.28
N PRO B 291 -14.74 6.28 -17.35
CA PRO B 291 -13.73 7.21 -16.84
C PRO B 291 -13.56 7.11 -15.33
N GLY B 292 -12.32 7.05 -14.87
CA GLY B 292 -12.03 7.19 -13.46
C GLY B 292 -11.25 8.46 -13.19
N ARG B 293 -9.91 8.37 -13.31
CA ARG B 293 -8.97 9.49 -13.16
C ARG B 293 -9.46 10.88 -13.64
N PHE B 294 -9.98 10.94 -14.85
CA PHE B 294 -10.38 12.22 -15.43
C PHE B 294 -11.34 13.03 -14.55
N ILE B 295 -12.31 12.32 -13.97
CA ILE B 295 -13.32 12.96 -13.16
C ILE B 295 -12.77 13.34 -11.74
N CYS B 296 -12.05 12.41 -11.11
CA CYS B 296 -11.72 12.56 -9.69
C CYS B 296 -10.38 13.21 -9.41
N ALA B 297 -9.36 12.85 -10.21
CA ALA B 297 -7.99 13.36 -10.01
C ALA B 297 -7.85 14.85 -9.72
N PRO B 298 -8.38 15.73 -10.61
CA PRO B 298 -8.21 17.18 -10.39
C PRO B 298 -9.02 17.79 -9.25
N ALA B 299 -9.96 17.03 -8.70
CA ALA B 299 -10.87 17.52 -7.68
C ALA B 299 -10.31 17.40 -6.26
N VAL B 300 -9.15 16.76 -6.09
CA VAL B 300 -8.52 16.62 -4.77
C VAL B 300 -7.18 17.36 -4.64
N THR B 301 -7.09 18.22 -3.65
CA THR B 301 -5.83 18.81 -3.23
C THR B 301 -5.40 18.16 -1.89
N SER B 302 -4.17 17.68 -1.82
CA SER B 302 -3.65 17.16 -0.55
C SER B 302 -3.02 18.28 0.25
N VAL B 303 -3.10 18.17 1.57
CA VAL B 303 -2.46 19.11 2.48
C VAL B 303 -1.73 18.28 3.54
N ALA B 304 -0.42 18.49 3.64
CA ALA B 304 0.39 17.82 4.64
C ALA B 304 1.11 18.90 5.42
N SER B 305 1.55 18.63 6.64
CA SER B 305 2.31 19.62 7.43
C SER B 305 3.69 19.05 7.82
N VAL B 306 4.67 19.94 8.00
CA VAL B 306 6.01 19.51 8.38
C VAL B 306 6.05 19.06 9.85
N MET B 307 6.38 17.79 10.12
CA MET B 307 6.44 17.31 11.51
C MET B 307 7.76 17.70 12.14
N GLY B 308 8.81 17.74 11.31
CA GLY B 308 10.17 18.00 11.71
C GLY B 308 11.06 18.08 10.49
N GLN B 309 12.36 18.30 10.72
CA GLN B 309 13.31 18.60 9.65
C GLN B 309 14.75 18.44 10.13
N ALA B 310 15.64 18.11 9.19
CA ALA B 310 17.07 17.98 9.44
C ALA B 310 17.84 18.28 8.15
N GLU B 311 19.04 18.85 8.29
CA GLU B 311 20.05 18.89 7.21
C GLU B 311 20.66 17.50 7.03
N ARG B 312 20.64 16.96 5.81
CA ARG B 312 21.36 15.70 5.54
C ARG B 312 22.11 15.86 4.22
N GLU B 313 23.40 15.57 4.23
CA GLU B 313 24.23 15.72 3.03
C GLU B 313 23.83 16.87 2.06
N GLY B 314 23.75 18.09 2.58
CA GLY B 314 23.56 19.30 1.77
C GLY B 314 22.11 19.75 1.59
N GLN B 315 21.17 18.86 1.94
CA GLN B 315 19.75 19.11 1.70
C GLN B 315 19.02 19.21 3.00
N ILE B 316 17.94 20.00 3.01
CA ILE B 316 17.02 19.97 4.14
C ILE B 316 15.96 18.89 3.89
N TRP B 317 15.81 17.98 4.86
CA TRP B 317 14.78 16.98 4.83
C TRP B 317 13.59 17.47 5.62
N TYR B 318 12.41 17.48 5.01
CA TYR B 318 11.18 17.74 5.72
C TYR B 318 10.42 16.42 5.80
N TYR B 319 9.92 16.10 6.97
CA TYR B 319 9.28 14.84 7.27
C TYR B 319 7.83 15.21 7.47
N LEU B 320 7.00 14.80 6.52
CA LEU B 320 5.59 15.21 6.49
C LEU B 320 4.70 14.19 7.16
N ASP B 321 3.47 14.61 7.44
CA ASP B 321 2.50 13.75 8.10
C ASP B 321 1.70 12.86 7.11
N ASP B 322 2.15 12.84 5.86
CA ASP B 322 1.55 12.06 4.76
C ASP B 322 2.67 11.70 3.81
N GLY B 323 2.55 10.54 3.18
CA GLY B 323 3.57 10.07 2.27
C GLY B 323 3.16 8.83 1.52
N ILE B 324 4.16 7.99 1.22
CA ILE B 324 4.07 6.86 0.28
C ILE B 324 3.22 5.68 0.77
N TYR B 325 3.03 5.62 2.08
CA TYR B 325 2.14 4.66 2.70
C TYR B 325 0.72 5.22 2.86
N GLY B 326 0.51 6.47 2.45
CA GLY B 326 -0.77 7.14 2.59
C GLY B 326 -1.14 7.74 1.26
N SER B 327 -1.28 9.06 1.21
CA SER B 327 -1.86 9.69 0.01
C SER B 327 -0.92 9.66 -1.18
N PHE B 328 0.39 9.54 -0.91
CA PHE B 328 1.32 9.45 -2.03
C PHE B 328 1.65 8.02 -2.41
N SER B 329 0.85 7.05 -1.91
CA SER B 329 1.00 5.64 -2.32
C SER B 329 1.11 5.51 -3.84
N GLY B 330 0.51 6.45 -4.57
CA GLY B 330 0.52 6.43 -6.04
C GLY B 330 1.90 6.63 -6.66
N LEU B 331 2.84 7.18 -5.88
CA LEU B 331 4.22 7.22 -6.33
C LEU B 331 4.78 5.80 -6.48
N MET B 332 4.26 4.88 -5.70
CA MET B 332 4.71 3.52 -5.78
C MET B 332 3.86 2.70 -6.75
N PHE B 333 2.54 2.76 -6.58
CA PHE B 333 1.63 1.92 -7.35
C PHE B 333 1.22 2.49 -8.72
N ASP B 334 1.22 3.82 -8.83
CA ASP B 334 0.73 4.51 -10.03
C ASP B 334 1.89 5.16 -10.82
N ASP B 335 3.15 4.82 -10.49
CA ASP B 335 4.34 5.57 -10.96
C ASP B 335 4.03 7.09 -11.17
N ALA B 336 3.45 7.69 -10.15
CA ALA B 336 2.88 9.02 -10.27
C ALA B 336 3.91 10.09 -10.01
N ARG B 337 3.59 11.31 -10.44
CA ARG B 337 4.37 12.50 -10.05
C ARG B 337 3.41 13.67 -9.94
N TYR B 338 3.29 14.23 -8.75
CA TYR B 338 2.30 15.27 -8.51
C TYR B 338 2.98 16.62 -8.48
N PRO B 339 2.28 17.68 -8.93
CA PRO B 339 2.76 19.05 -8.67
C PRO B 339 2.68 19.34 -7.18
N LEU B 340 3.81 19.75 -6.60
CA LEU B 340 3.85 20.05 -5.17
C LEU B 340 4.11 21.51 -4.98
N THR B 341 3.52 22.08 -3.92
CA THR B 341 3.74 23.51 -3.63
C THR B 341 3.71 23.79 -2.12
N THR B 342 4.05 25.02 -1.74
CA THR B 342 4.02 25.44 -0.34
C THR B 342 3.26 26.73 -0.29
N ILE B 343 2.62 27.01 0.84
CA ILE B 343 1.99 28.31 0.99
C ILE B 343 3.08 29.39 1.05
N LYS B 344 4.12 29.11 1.84
CA LYS B 344 5.31 29.94 1.95
C LYS B 344 6.11 30.00 0.65
N GLN B 345 6.37 31.22 0.19
CA GLN B 345 7.01 31.45 -1.11
C GLN B 345 8.31 32.27 -1.04
N GLY B 346 8.61 32.78 0.15
CA GLY B 346 9.61 33.84 0.31
C GLY B 346 11.00 33.35 0.68
N GLY B 347 12.02 34.12 0.29
CA GLY B 347 13.40 33.79 0.62
C GLY B 347 14.02 32.87 -0.42
N GLU B 348 15.21 32.34 -0.12
CA GLU B 348 15.89 31.54 -1.12
C GLU B 348 15.32 30.14 -1.14
N LEU B 349 15.37 29.52 -2.32
CA LEU B 349 15.02 28.12 -2.49
C LEU B 349 16.23 27.26 -2.23
N ILE B 350 16.05 26.29 -1.34
CA ILE B 350 17.12 25.41 -0.85
C ILE B 350 16.78 24.02 -1.33
N PRO B 351 17.78 23.28 -1.89
CA PRO B 351 17.67 21.83 -2.19
C PRO B 351 17.10 21.06 -1.00
N SER B 352 16.00 20.36 -1.24
CA SER B 352 15.20 19.81 -0.15
C SER B 352 14.74 18.40 -0.47
N VAL B 353 14.42 17.66 0.59
CA VAL B 353 13.80 16.35 0.46
C VAL B 353 12.45 16.37 1.16
N LEU B 354 11.42 15.87 0.49
CA LEU B 354 10.13 15.68 1.14
C LEU B 354 9.95 14.21 1.43
N SER B 355 9.98 13.89 2.72
CA SER B 355 9.86 12.53 3.24
C SER B 355 8.47 12.29 3.83
N GLY B 356 8.02 11.02 3.85
CA GLY B 356 6.75 10.67 4.47
C GLY B 356 6.88 10.46 5.98
N PRO B 357 5.76 10.18 6.67
CA PRO B 357 5.82 9.98 8.11
C PRO B 357 6.47 8.67 8.60
N THR B 358 6.45 7.61 7.79
CA THR B 358 6.93 6.33 8.27
C THR B 358 8.46 6.30 8.45
N CYS B 359 8.96 5.29 9.14
CA CYS B 359 10.40 5.16 9.37
C CYS B 359 11.12 4.57 8.15
N ASP B 360 10.33 4.11 7.18
CA ASP B 360 10.86 3.55 5.97
C ASP B 360 11.61 4.53 5.05
N SER B 361 12.78 4.07 4.59
CA SER B 361 13.62 4.78 3.61
C SER B 361 12.94 5.01 2.25
N VAL B 362 12.14 4.05 1.81
CA VAL B 362 11.38 4.16 0.57
C VAL B 362 10.31 5.30 0.64
N ASP B 363 9.97 5.72 1.86
CA ASP B 363 8.94 6.76 2.09
C ASP B 363 9.48 8.19 1.88
N VAL B 364 9.75 8.50 0.61
CA VAL B 364 10.25 9.81 0.20
C VAL B 364 9.31 10.27 -0.95
N ILE B 365 8.79 11.47 -0.84
CA ILE B 365 7.86 12.00 -1.84
C ILE B 365 8.59 12.70 -3.00
N ALA B 366 9.58 13.51 -2.66
CA ALA B 366 10.38 14.25 -3.64
C ALA B 366 11.83 14.15 -3.19
N GLU B 367 12.66 13.57 -4.05
CA GLU B 367 14.06 13.26 -3.73
C GLU B 367 14.93 14.49 -3.77
N ASN B 368 14.55 15.47 -4.59
CA ASN B 368 15.31 16.69 -4.74
C ASN B 368 14.37 17.77 -5.26
N ILE B 369 14.00 18.71 -4.39
CA ILE B 369 12.99 19.71 -4.72
C ILE B 369 13.46 21.03 -4.15
N LEU B 370 13.39 22.09 -4.93
CA LEU B 370 13.77 23.43 -4.46
C LEU B 370 12.61 24.07 -3.73
N LEU B 371 12.82 24.37 -2.45
CA LEU B 371 11.76 24.94 -1.61
C LEU B 371 12.25 26.07 -0.70
N PRO B 372 11.34 27.00 -0.34
CA PRO B 372 11.69 28.01 0.66
C PRO B 372 11.93 27.36 2.01
N LYS B 373 12.60 28.05 2.92
CA LYS B 373 12.84 27.45 4.23
C LYS B 373 11.51 27.37 5.00
N LEU B 374 11.16 26.17 5.42
CA LEU B 374 9.87 25.92 6.05
C LEU B 374 10.04 25.67 7.53
N ASN B 375 8.99 25.99 8.28
CA ASN B 375 8.99 25.72 9.69
C ASN B 375 8.17 24.50 9.99
N ASN B 376 8.39 23.91 11.17
CA ASN B 376 7.50 22.86 11.65
C ASN B 376 6.07 23.36 11.66
N GLY B 377 5.18 22.58 11.04
CA GLY B 377 3.78 22.93 10.93
C GLY B 377 3.37 23.62 9.63
N ASP B 378 4.36 24.04 8.84
CA ASP B 378 4.11 24.69 7.54
C ASP B 378 3.55 23.64 6.57
N LEU B 379 2.77 24.08 5.57
CA LEU B 379 1.97 23.18 4.72
C LEU B 379 2.58 22.87 3.35
N VAL B 380 2.42 21.62 2.95
CA VAL B 380 2.84 21.13 1.63
C VAL B 380 1.58 20.66 0.92
N ILE B 381 1.38 21.23 -0.26
CA ILE B 381 0.15 21.06 -1.04
C ILE B 381 0.44 20.25 -2.30
N GLY B 382 -0.35 19.20 -2.49
CA GLY B 382 -0.28 18.34 -3.68
C GLY B 382 -1.49 18.55 -4.58
N ARG B 383 -1.25 18.72 -5.86
CA ARG B 383 -2.36 18.96 -6.76
C ARG B 383 -2.62 17.68 -7.55
N THR B 384 -3.83 17.58 -8.10
CA THR B 384 -4.24 16.43 -8.91
C THR B 384 -4.10 15.15 -8.09
N MET B 385 -4.55 15.24 -6.84
CA MET B 385 -4.37 14.18 -5.83
C MET B 385 -5.59 13.30 -5.61
N GLY B 386 -6.48 13.28 -6.59
CA GLY B 386 -7.75 12.60 -6.43
C GLY B 386 -7.80 11.13 -6.82
N ALA B 387 -6.97 10.71 -7.77
CA ALA B 387 -7.03 9.33 -8.31
C ALA B 387 -5.87 8.43 -7.86
N TYR B 388 -6.20 7.23 -7.38
CA TYR B 388 -5.16 6.26 -6.98
C TYR B 388 -4.18 6.89 -6.02
N THR B 389 -4.74 7.50 -4.97
CA THR B 389 -3.97 8.17 -3.92
C THR B 389 -4.42 7.60 -2.58
N SER B 390 -5.48 8.16 -2.00
CA SER B 390 -6.10 7.63 -0.79
C SER B 390 -6.59 6.21 -1.02
N ALA B 391 -7.06 5.93 -2.24
CA ALA B 391 -7.59 4.60 -2.56
C ALA B 391 -6.59 3.46 -2.27
N THR B 392 -5.31 3.75 -2.49
CA THR B 392 -4.25 2.79 -2.36
C THR B 392 -3.41 3.06 -1.09
N ALA B 393 -3.95 3.86 -0.16
CA ALA B 393 -3.35 4.07 1.18
C ALA B 393 -3.26 2.78 2.02
N THR B 394 -2.22 2.68 2.86
CA THR B 394 -2.06 1.56 3.81
C THR B 394 -2.33 2.07 5.22
N ASP B 395 -2.22 1.18 6.21
CA ASP B 395 -2.13 1.57 7.63
C ASP B 395 -0.74 1.34 8.29
N PHE B 396 0.32 1.33 7.49
CA PHE B 396 1.70 1.09 7.99
C PHE B 396 2.08 2.06 9.13
N ASN B 397 2.67 1.51 10.19
CA ASN B 397 3.05 2.29 11.38
C ASN B 397 1.87 2.78 12.20
N PHE B 398 0.66 2.49 11.74
CA PHE B 398 -0.58 3.00 12.31
C PHE B 398 -0.64 4.54 12.27
N PHE B 399 0.05 5.17 11.32
CA PHE B 399 -0.23 6.56 10.99
C PHE B 399 -1.64 6.73 10.46
N LYS B 400 -2.34 7.76 10.93
CA LYS B 400 -3.70 8.03 10.48
C LYS B 400 -3.68 8.51 9.02
N ARG B 401 -4.74 8.15 8.30
CA ARG B 401 -4.84 8.45 6.89
C ARG B 401 -5.29 9.89 6.78
N ALA B 402 -4.88 10.59 5.72
CA ALA B 402 -5.44 11.91 5.43
C ALA B 402 -6.96 11.83 5.51
N GLN B 403 -7.57 12.81 6.15
CA GLN B 403 -9.02 12.90 6.23
C GLN B 403 -9.54 13.67 5.00
N THR B 404 -10.52 13.11 4.30
CA THR B 404 -11.08 13.72 3.10
C THR B 404 -12.18 14.69 3.47
N ILE B 405 -12.00 15.96 3.08
CA ILE B 405 -12.97 17.02 3.36
C ILE B 405 -13.78 17.41 2.10
N ALA B 406 -15.10 17.26 2.16
CA ALA B 406 -15.96 17.54 1.00
C ALA B 406 -16.41 18.99 0.97
N LEU B 407 -16.08 19.67 -0.12
CA LEU B 407 -16.29 21.10 -0.26
C LEU B 407 -17.21 21.34 -1.43
N ASN B 408 -18.01 22.41 -1.34
CA ASN B 408 -19.01 22.77 -2.37
C ASN B 408 -19.97 21.62 -2.67
N GLU B 409 -20.25 20.85 -1.62
CA GLU B 409 -21.14 19.70 -1.70
C GLU B 409 -22.58 20.10 -2.04
OAE P3D C . 14.69 -5.29 9.88
PAV P3D C . 13.76 -5.09 11.15
OAF P3D C . 14.43 -6.09 12.20
OAC P3D C . 12.31 -5.45 10.92
OAQ P3D C . 13.92 -3.60 11.67
CAN P3D C . 12.94 -3.15 12.62
CAT P3D C . 13.16 -1.65 12.82
CAH P3D C . 13.70 -1.33 14.06
NAP P3D C . 13.97 -0.10 14.41
CAR P3D C . 13.73 0.93 13.57
CAA P3D C . 14.07 2.36 14.05
CAS P3D C . 13.18 0.70 12.30
OAD P3D C . 12.95 1.76 11.49
CAU P3D C . 12.90 -0.63 11.90
CAG P3D C . 12.33 -0.93 10.65
NAO P3D C . 12.54 -0.27 9.50
CAM P3D C . 11.80 -0.76 8.33
CAL P3D C . 12.43 -0.45 6.99
CAK P3D C . 12.39 -1.70 6.06
CAJ P3D C . 10.98 -2.25 5.83
CAI P3D C . 10.71 -2.48 4.37
NAB P3D C . 10.64 -1.19 3.64
OAE P3D D . -7.45 5.69 -16.18
PAV P3D D . -8.87 5.53 -15.45
OAF P3D D . -9.93 6.45 -16.22
OAC P3D D . -8.87 5.94 -14.04
OAQ P3D D . -9.34 4.07 -15.63
CAN P3D D . -10.40 3.57 -14.79
CAT P3D D . -10.61 2.10 -15.12
CAH P3D D . -11.81 1.79 -15.76
NAP P3D D . -12.13 0.55 -16.12
CAR P3D D . -11.28 -0.46 -15.88
CAA P3D D . -11.68 -1.88 -16.30
CAS P3D D . -10.05 -0.23 -15.23
OAD P3D D . -9.19 -1.28 -14.99
CAU P3D D . -9.69 1.07 -14.84
CAG P3D D . -8.44 1.27 -14.21
NAO P3D D . -7.41 0.53 -14.63
CAM P3D D . -6.00 0.53 -14.11
CAL P3D D . -5.64 1.65 -13.15
CAK P3D D . -4.23 1.44 -12.54
CAJ P3D D . -3.82 2.59 -11.58
CAI P3D D . -2.31 2.84 -11.58
NAB P3D D . -1.56 1.81 -10.83
#